data_4RK0
#
_entry.id   4RK0
#
_cell.length_a   36.919
_cell.length_b   77.234
_cell.length_c   91.805
_cell.angle_alpha   87.72
_cell.angle_beta   82.57
_cell.angle_gamma   84.33
#
_symmetry.space_group_name_H-M   'P 1'
#
loop_
_entity.id
_entity.type
_entity.pdbx_description
1 polymer 'LacI family sugar-binding transcriptional regulator'
2 non-polymer alpha-D-ribofuranose
3 water water
#
_entity_poly.entity_id   1
_entity_poly.type   'polypeptide(L)'
_entity_poly.pdbx_seq_one_letter_code
;SMVMKKSKTIGVIVPDITNPFFAQLIRGIESVLYKENFILILCNADQDVTREHEYLTELIRRSVDGFVIASSEISNQTIN
ETLRAKKIPFIVLDQKKAEGFSDAVLTDDYRGGQLAAKHLQEQRHEQVIVVMPPHAPVNIQQRLKGFCSVYTEKVQLIET
ELSKTGGYQAVPEILKTESTGIFAINDEIAFGLYRGLAEAGKKIPEDYSIIGYDNVDMCEYVSPPLTTIAQPVFQLGQTT
ATLLLERIHQPAKDWEEQTLPVQLIERFSTAPLK
;
_entity_poly.pdbx_strand_id   A,B,C,D
#
# COMPACT_ATOMS: atom_id res chain seq x y z
N SER A 7 18.31 19.04 -38.80
CA SER A 7 18.08 20.20 -37.87
C SER A 7 18.47 19.87 -36.41
N LYS A 8 18.37 18.60 -36.02
CA LYS A 8 18.70 18.15 -34.66
C LYS A 8 17.85 18.87 -33.60
N THR A 9 16.54 18.82 -33.79
CA THR A 9 15.58 19.50 -32.93
C THR A 9 14.73 18.47 -32.20
N ILE A 10 14.49 18.69 -30.89
CA ILE A 10 13.55 17.86 -30.14
C ILE A 10 12.41 18.70 -29.53
N GLY A 11 11.16 18.36 -29.81
CA GLY A 11 10.01 19.08 -29.20
C GLY A 11 9.62 18.52 -27.86
N VAL A 12 9.44 19.39 -26.84
CA VAL A 12 9.13 18.92 -25.51
C VAL A 12 7.85 19.57 -25.05
N ILE A 13 6.85 18.73 -24.79
CA ILE A 13 5.51 19.18 -24.46
C ILE A 13 5.24 18.81 -23.00
N VAL A 14 5.16 19.83 -22.15
CA VAL A 14 4.86 19.60 -20.73
C VAL A 14 3.64 20.43 -20.32
N PRO A 15 3.01 20.09 -19.20
CA PRO A 15 1.84 20.80 -18.72
C PRO A 15 2.14 22.24 -18.39
N ASP A 16 3.28 22.52 -17.76
CA ASP A 16 3.68 23.86 -17.39
C ASP A 16 5.18 23.90 -17.07
N ILE A 17 5.72 25.09 -16.91
CA ILE A 17 7.12 25.21 -16.49
C ILE A 17 7.29 25.95 -15.17
N THR A 18 6.18 26.34 -14.58
CA THR A 18 6.23 27.05 -13.31
C THR A 18 6.29 26.09 -12.14
N ASN A 19 5.81 24.86 -12.34
CA ASN A 19 5.91 23.85 -11.31
C ASN A 19 7.37 23.42 -11.30
N PRO A 20 8.06 23.60 -10.19
CA PRO A 20 9.49 23.19 -10.14
C PRO A 20 9.71 21.75 -10.62
N PHE A 21 8.71 20.87 -10.47
CA PHE A 21 8.81 19.52 -11.02
C PHE A 21 9.14 19.52 -12.49
N PHE A 22 8.39 20.27 -13.30
CA PHE A 22 8.58 20.23 -14.76
C PHE A 22 9.78 21.04 -15.17
N ALA A 23 10.15 22.02 -14.37
CA ALA A 23 11.39 22.73 -14.67
C ALA A 23 12.61 21.82 -14.53
N GLN A 24 12.60 20.96 -13.50
CA GLN A 24 13.72 20.03 -13.28
C GLN A 24 13.68 18.92 -14.30
N LEU A 25 12.50 18.50 -14.71
CA LEU A 25 12.39 17.59 -15.87
C LEU A 25 13.10 18.14 -17.09
N ILE A 26 12.82 19.40 -17.41
CA ILE A 26 13.44 20.04 -18.54
C ILE A 26 14.99 20.10 -18.39
N ARG A 27 15.52 20.51 -17.24
CA ARG A 27 16.96 20.42 -17.02
C ARG A 27 17.55 19.05 -17.27
N GLY A 28 16.85 18.02 -16.81
CA GLY A 28 17.25 16.64 -17.03
C GLY A 28 17.38 16.34 -18.51
N ILE A 29 16.36 16.72 -19.27
CA ILE A 29 16.38 16.54 -20.73
C ILE A 29 17.47 17.38 -21.38
N GLU A 30 17.55 18.65 -20.99
CA GLU A 30 18.52 19.60 -21.56
C GLU A 30 19.93 19.05 -21.38
N SER A 31 20.15 18.39 -20.26
CA SER A 31 21.51 17.93 -19.92
C SER A 31 22.00 16.88 -20.90
N VAL A 32 21.07 16.09 -21.42
CA VAL A 32 21.39 15.05 -22.40
C VAL A 32 21.50 15.63 -23.79
N LEU A 33 20.49 16.39 -24.19
CA LEU A 33 20.47 17.06 -25.50
C LEU A 33 21.72 17.90 -25.78
N TYR A 34 22.15 18.70 -24.80
CA TYR A 34 23.32 19.61 -24.98
C TYR A 34 24.54 18.88 -25.46
N LYS A 35 24.72 17.69 -24.93
CA LYS A 35 25.92 16.92 -25.23
C LYS A 35 25.94 16.42 -26.67
N GLU A 36 24.78 16.39 -27.32
CA GLU A 36 24.69 15.89 -28.69
C GLU A 36 24.34 16.97 -29.68
N ASN A 37 24.35 18.24 -29.23
CA ASN A 37 24.01 19.41 -30.05
C ASN A 37 22.55 19.40 -30.57
N PHE A 38 21.65 18.79 -29.80
CA PHE A 38 20.21 18.92 -30.06
C PHE A 38 19.64 20.15 -29.39
N ILE A 39 18.71 20.81 -30.06
CA ILE A 39 18.04 21.97 -29.48
C ILE A 39 16.61 21.59 -29.01
N LEU A 40 16.18 22.21 -27.91
CA LEU A 40 14.93 21.86 -27.25
C LEU A 40 13.89 22.88 -27.66
N ILE A 41 12.84 22.41 -28.32
CA ILE A 41 11.67 23.24 -28.66
C ILE A 41 10.70 23.13 -27.50
N LEU A 42 10.40 24.24 -26.85
CA LEU A 42 9.62 24.17 -25.63
C LEU A 42 8.17 24.50 -25.89
N CYS A 43 7.31 23.62 -25.44
CA CYS A 43 5.88 23.81 -25.54
C CYS A 43 5.22 23.45 -24.21
N ASN A 44 4.93 24.46 -23.39
CA ASN A 44 4.18 24.19 -22.19
C ASN A 44 2.73 24.51 -22.46
N ALA A 45 1.89 23.54 -22.15
CA ALA A 45 0.51 23.57 -22.60
C ALA A 45 -0.31 24.68 -21.94
N ASP A 46 0.06 25.07 -20.72
CA ASP A 46 -0.70 26.09 -19.97
C ASP A 46 -0.73 27.44 -20.69
N GLN A 47 0.28 27.74 -21.50
CA GLN A 47 0.32 29.02 -22.22
C GLN A 47 -0.34 28.99 -23.58
N ASP A 48 -0.89 27.83 -23.96
CA ASP A 48 -1.79 27.72 -25.12
C ASP A 48 -3.20 27.93 -24.58
N VAL A 49 -3.64 29.18 -24.66
CA VAL A 49 -4.92 29.60 -24.04
C VAL A 49 -6.14 29.36 -24.92
N THR A 50 -5.91 28.95 -26.17
CA THR A 50 -7.04 28.57 -27.02
C THR A 50 -7.76 27.36 -26.44
N ARG A 51 -9.06 27.33 -26.70
CA ARG A 51 -9.97 26.28 -26.27
C ARG A 51 -9.59 24.87 -26.70
N GLU A 52 -9.10 24.74 -27.92
CA GLU A 52 -8.84 23.41 -28.46
C GLU A 52 -7.37 23.20 -28.80
N HIS A 53 -6.51 23.91 -28.09
CA HIS A 53 -5.07 23.69 -28.10
C HIS A 53 -4.53 23.80 -29.51
N GLU A 54 -4.83 24.91 -30.16
CA GLU A 54 -4.45 25.14 -31.55
C GLU A 54 -2.94 25.15 -31.73
N TYR A 55 -2.24 25.68 -30.74
CA TYR A 55 -0.80 25.75 -30.84
C TYR A 55 -0.17 24.37 -30.71
N LEU A 56 -0.70 23.57 -29.78
CA LEU A 56 -0.25 22.21 -29.62
C LEU A 56 -0.47 21.41 -30.89
N THR A 57 -1.68 21.46 -31.45
CA THR A 57 -1.96 20.69 -32.68
C THR A 57 -1.08 21.13 -33.84
N GLU A 58 -0.72 22.40 -33.91
CA GLU A 58 0.17 22.86 -34.96
C GLU A 58 1.63 22.51 -34.67
N LEU A 59 2.00 22.48 -33.40
CA LEU A 59 3.36 22.12 -33.05
C LEU A 59 3.61 20.65 -33.31
N ILE A 60 2.70 19.78 -32.88
CA ILE A 60 2.88 18.36 -33.08
C ILE A 60 3.01 18.01 -34.57
N ARG A 61 2.65 18.92 -35.49
CA ARG A 61 2.78 18.66 -36.93
C ARG A 61 4.06 19.24 -37.58
N ARG A 62 4.94 19.84 -36.80
CA ARG A 62 6.22 20.33 -37.31
C ARG A 62 7.12 19.14 -37.56
N SER A 63 8.05 19.32 -38.50
CA SER A 63 9.00 18.25 -38.85
C SER A 63 10.29 18.35 -38.01
N VAL A 64 10.18 17.89 -36.76
CA VAL A 64 11.31 17.82 -35.83
C VAL A 64 11.81 16.41 -35.81
N ASP A 65 13.00 16.24 -35.24
CA ASP A 65 13.63 14.95 -35.16
C ASP A 65 12.98 14.06 -34.12
N GLY A 66 12.32 14.64 -33.12
CA GLY A 66 11.65 13.80 -32.13
C GLY A 66 10.90 14.62 -31.08
N PHE A 67 9.97 13.96 -30.42
CA PHE A 67 9.07 14.61 -29.42
C PHE A 67 9.10 13.90 -28.08
N VAL A 68 9.21 14.67 -27.01
CA VAL A 68 8.94 14.16 -25.66
C VAL A 68 7.54 14.70 -25.27
N ILE A 69 6.64 13.81 -24.88
CA ILE A 69 5.23 14.14 -24.62
C ILE A 69 4.87 13.76 -23.19
N ALA A 70 4.72 14.80 -22.37
CA ALA A 70 4.41 14.62 -20.98
C ALA A 70 2.99 15.13 -20.66
N SER A 71 2.26 15.64 -21.66
CA SER A 71 0.92 16.24 -21.46
C SER A 71 -0.14 15.35 -22.09
N SER A 72 -1.25 15.13 -21.39
CA SER A 72 -2.40 14.35 -21.90
C SER A 72 -3.25 15.08 -22.94
N GLU A 73 -2.93 16.36 -23.19
CA GLU A 73 -3.54 17.18 -24.23
C GLU A 73 -3.16 16.77 -25.65
N ILE A 74 -2.10 15.97 -25.81
CA ILE A 74 -1.84 15.34 -27.10
C ILE A 74 -2.52 13.97 -27.13
N SER A 75 -3.45 13.77 -28.08
CA SER A 75 -4.25 12.57 -28.07
C SER A 75 -3.52 11.47 -28.81
N ASN A 76 -3.85 10.23 -28.44
CA ASN A 76 -3.40 9.04 -29.17
C ASN A 76 -3.80 9.09 -30.64
N GLN A 77 -4.99 9.60 -30.94
CA GLN A 77 -5.41 9.78 -32.33
CA GLN A 77 -5.40 9.75 -32.33
C GLN A 77 -4.49 10.75 -33.03
N THR A 78 -4.23 11.90 -32.41
CA THR A 78 -3.31 12.87 -33.01
C THR A 78 -1.93 12.26 -33.26
N ILE A 79 -1.46 11.46 -32.32
CA ILE A 79 -0.13 10.89 -32.42
C ILE A 79 -0.04 9.94 -33.63
N ASN A 80 -1.04 9.08 -33.77
CA ASN A 80 -1.13 8.15 -34.89
C ASN A 80 -1.14 8.84 -36.25
N GLU A 81 -1.94 9.88 -36.41
CA GLU A 81 -2.07 10.58 -37.68
C GLU A 81 -0.92 11.52 -38.04
N THR A 82 -0.10 11.91 -37.06
CA THR A 82 1.00 12.82 -37.32
C THR A 82 2.34 12.11 -37.21
N LEU A 83 2.67 11.63 -36.02
CA LEU A 83 4.00 11.12 -35.75
C LEU A 83 4.20 9.68 -36.22
N ARG A 84 3.27 8.77 -35.91
CA ARG A 84 3.45 7.38 -36.39
C ARG A 84 3.33 7.33 -37.91
N ALA A 85 2.43 8.13 -38.47
CA ALA A 85 2.26 8.21 -39.91
C ALA A 85 3.50 8.79 -40.60
N LYS A 86 4.23 9.66 -39.93
CA LYS A 86 5.41 10.31 -40.55
C LYS A 86 6.73 9.67 -40.09
N LYS A 87 6.60 8.64 -39.24
CA LYS A 87 7.77 7.96 -38.63
C LYS A 87 8.61 8.92 -37.77
N ILE A 88 7.96 9.82 -37.04
CA ILE A 88 8.70 10.74 -36.19
C ILE A 88 8.67 10.11 -34.81
N PRO A 89 9.86 9.79 -34.30
CA PRO A 89 9.92 9.10 -33.02
C PRO A 89 9.48 10.01 -31.86
N PHE A 90 8.92 9.39 -30.86
CA PHE A 90 8.48 10.08 -29.65
C PHE A 90 8.54 9.18 -28.41
N ILE A 91 8.37 9.80 -27.25
CA ILE A 91 8.38 9.11 -26.00
C ILE A 91 7.41 9.85 -25.06
N VAL A 92 6.69 9.08 -24.26
CA VAL A 92 5.67 9.60 -23.34
C VAL A 92 6.06 9.35 -21.88
N LEU A 93 5.52 10.18 -21.01
CA LEU A 93 5.78 10.07 -19.63
C LEU A 93 4.78 10.95 -18.89
N ASP A 94 4.81 10.75 -17.59
CA ASP A 94 4.11 11.60 -16.64
C ASP A 94 2.60 11.59 -16.89
N GLN A 95 2.00 12.75 -17.14
CA GLN A 95 0.53 12.85 -17.35
C GLN A 95 0.07 12.28 -18.66
N LYS A 96 0.97 12.05 -19.61
CA LYS A 96 0.62 11.34 -20.85
C LYS A 96 0.66 9.84 -20.67
N LYS A 97 -0.50 9.21 -20.74
CA LYS A 97 -0.66 7.79 -20.59
C LYS A 97 -0.13 7.04 -21.83
N ALA A 98 0.62 5.96 -21.60
CA ALA A 98 1.17 5.14 -22.66
C ALA A 98 0.13 4.13 -23.12
N GLU A 99 -0.02 4.00 -24.42
CA GLU A 99 -0.84 2.92 -24.98
C GLU A 99 -0.07 1.58 -24.94
N GLY A 100 1.24 1.62 -25.12
CA GLY A 100 2.07 0.40 -25.11
C GLY A 100 2.74 0.06 -26.43
N PHE A 101 2.50 0.87 -27.47
CA PHE A 101 3.28 0.80 -28.71
C PHE A 101 4.13 2.07 -28.88
N SER A 102 4.84 2.39 -27.81
CA SER A 102 5.77 3.48 -27.84
C SER A 102 6.74 3.29 -26.69
N ASP A 103 7.75 4.12 -26.73
CA ASP A 103 8.60 4.28 -25.59
C ASP A 103 7.86 5.07 -24.53
N ALA A 104 8.21 4.81 -23.28
CA ALA A 104 7.66 5.53 -22.11
C ALA A 104 8.57 5.39 -20.89
N VAL A 105 8.67 6.45 -20.10
CA VAL A 105 9.37 6.32 -18.81
C VAL A 105 8.43 6.77 -17.70
N LEU A 106 8.05 5.86 -16.83
CA LEU A 106 7.15 6.13 -15.73
C LEU A 106 7.93 6.26 -14.44
N THR A 107 7.29 6.80 -13.40
CA THR A 107 7.78 6.62 -12.07
C THR A 107 6.71 5.86 -11.33
N ASP A 108 7.06 5.31 -10.18
CA ASP A 108 6.19 4.36 -9.54
C ASP A 108 5.13 5.01 -8.65
N ASP A 109 4.11 5.59 -9.29
CA ASP A 109 3.07 6.35 -8.59
C ASP A 109 2.30 5.51 -7.60
N TYR A 110 2.01 4.28 -8.00
CA TYR A 110 1.30 3.37 -7.14
C TYR A 110 2.03 3.10 -5.85
N ARG A 111 3.31 2.76 -5.96
CA ARG A 111 4.09 2.50 -4.76
C ARG A 111 4.25 3.79 -3.92
N GLY A 112 4.38 4.94 -4.57
CA GLY A 112 4.46 6.21 -3.80
C GLY A 112 3.22 6.43 -2.93
N GLY A 113 2.05 6.11 -3.49
CA GLY A 113 0.83 6.24 -2.72
C GLY A 113 0.79 5.29 -1.55
N GLN A 114 1.29 4.07 -1.76
CA GLN A 114 1.44 3.10 -0.67
C GLN A 114 2.36 3.61 0.45
N LEU A 115 3.47 4.23 0.08
CA LEU A 115 4.42 4.72 1.09
C LEU A 115 3.84 5.85 1.90
N ALA A 116 3.04 6.69 1.24
CA ALA A 116 2.38 7.83 1.89
C ALA A 116 1.38 7.31 2.90
N ALA A 117 0.55 6.38 2.46
CA ALA A 117 -0.36 5.69 3.36
C ALA A 117 0.35 5.02 4.55
N LYS A 118 1.49 4.37 4.32
CA LYS A 118 2.18 3.62 5.34
C LYS A 118 2.69 4.59 6.36
N HIS A 119 3.18 5.71 5.87
CA HIS A 119 3.67 6.71 6.78
C HIS A 119 2.59 7.25 7.72
N LEU A 120 1.43 7.63 7.15
CA LEU A 120 0.35 8.18 8.00
C LEU A 120 -0.17 7.13 8.97
N GLN A 121 -0.21 5.88 8.55
CA GLN A 121 -0.52 4.78 9.49
C GLN A 121 0.51 4.65 10.62
N GLU A 122 1.81 4.63 10.31
CA GLU A 122 2.86 4.65 11.33
C GLU A 122 2.69 5.82 12.35
N GLN A 123 2.22 6.96 11.88
CA GLN A 123 1.92 8.09 12.75
C GLN A 123 0.51 8.02 13.34
N ARG A 124 -0.18 6.89 13.13
CA ARG A 124 -1.44 6.59 13.81
C ARG A 124 -2.63 7.44 13.41
N HIS A 125 -2.58 8.06 12.25
CA HIS A 125 -3.74 8.79 11.76
C HIS A 125 -4.81 7.85 11.22
N GLU A 126 -6.06 8.07 11.63
CA GLU A 126 -7.16 7.18 11.36
C GLU A 126 -8.18 7.82 10.44
N GLN A 127 -8.17 9.15 10.39
CA GLN A 127 -9.03 9.89 9.49
C GLN A 127 -8.15 10.83 8.70
N VAL A 128 -8.09 10.58 7.40
CA VAL A 128 -7.24 11.36 6.51
C VAL A 128 -7.98 11.88 5.31
N ILE A 129 -7.38 12.92 4.71
CA ILE A 129 -7.90 13.53 3.53
C ILE A 129 -6.86 13.37 2.45
N VAL A 130 -7.30 13.08 1.24
CA VAL A 130 -6.44 13.12 0.08
C VAL A 130 -6.89 14.30 -0.76
N VAL A 131 -5.97 15.20 -1.07
CA VAL A 131 -6.31 16.40 -1.82
C VAL A 131 -5.72 16.28 -3.19
N MET A 132 -6.59 16.33 -4.20
CA MET A 132 -6.17 16.03 -5.59
C MET A 132 -7.08 16.67 -6.62
N PRO A 133 -6.66 16.73 -7.91
CA PRO A 133 -7.50 17.32 -8.92
C PRO A 133 -8.59 16.40 -9.37
N PRO A 134 -9.68 16.96 -9.92
CA PRO A 134 -10.71 16.12 -10.55
C PRO A 134 -10.22 15.61 -11.87
N HIS A 135 -10.83 14.52 -12.38
CA HIS A 135 -10.44 13.89 -13.66
C HIS A 135 -8.94 13.91 -13.81
N ALA A 136 -8.31 13.32 -12.81
CA ALA A 136 -6.86 13.36 -12.68
C ALA A 136 -6.21 12.57 -13.80
N PRO A 137 -5.01 12.98 -14.26
CA PRO A 137 -4.22 12.12 -15.14
C PRO A 137 -3.96 10.79 -14.50
N VAL A 138 -3.72 9.76 -15.33
CA VAL A 138 -3.63 8.39 -14.80
C VAL A 138 -2.51 8.21 -13.77
N ASN A 139 -1.35 8.81 -14.02
CA ASN A 139 -0.24 8.71 -13.11
C ASN A 139 -0.62 9.22 -11.72
N ILE A 140 -1.39 10.31 -11.69
CA ILE A 140 -1.79 10.89 -10.43
C ILE A 140 -2.86 10.03 -9.76
N GLN A 141 -3.80 9.52 -10.57
CA GLN A 141 -4.84 8.65 -10.07
C GLN A 141 -4.21 7.43 -9.42
N GLN A 142 -3.16 6.89 -10.04
CA GLN A 142 -2.44 5.77 -9.42
C GLN A 142 -1.93 6.04 -7.99
N ARG A 143 -1.63 7.27 -7.63
CA ARG A 143 -1.20 7.55 -6.28
C ARG A 143 -2.34 7.34 -5.29
N LEU A 144 -3.53 7.78 -5.66
CA LEU A 144 -4.69 7.50 -4.83
C LEU A 144 -4.92 5.98 -4.75
N LYS A 145 -4.87 5.35 -5.92
CA LYS A 145 -5.08 3.87 -5.99
C LYS A 145 -4.09 3.13 -5.10
N GLY A 146 -2.81 3.52 -5.17
CA GLY A 146 -1.83 2.88 -4.28
C GLY A 146 -2.10 3.19 -2.82
N PHE A 147 -2.47 4.44 -2.55
CA PHE A 147 -2.84 4.85 -1.20
C PHE A 147 -3.96 3.94 -0.64
N CYS A 148 -5.02 3.75 -1.41
CA CYS A 148 -6.17 2.98 -0.91
C CYS A 148 -5.90 1.46 -0.97
N SER A 149 -4.85 1.04 -1.66
CA SER A 149 -4.49 -0.39 -1.69
C SER A 149 -4.04 -0.92 -0.31
N VAL A 150 -3.57 -0.02 0.57
CA VAL A 150 -3.04 -0.41 1.88
C VAL A 150 -3.67 0.30 3.06
N TYR A 151 -4.34 1.43 2.83
CA TYR A 151 -4.98 2.18 3.92
C TYR A 151 -6.44 1.75 4.06
N THR A 152 -6.80 1.25 5.24
CA THR A 152 -8.12 0.64 5.46
C THR A 152 -8.96 1.41 6.46
N GLU A 153 -8.49 2.57 6.91
CA GLU A 153 -9.28 3.46 7.78
C GLU A 153 -10.02 4.53 6.94
N LYS A 154 -10.53 5.59 7.57
CA LYS A 154 -11.44 6.53 6.90
C LYS A 154 -10.64 7.53 6.05
N VAL A 155 -10.95 7.56 4.76
CA VAL A 155 -10.32 8.45 3.81
C VAL A 155 -11.37 9.31 3.16
N GLN A 156 -11.15 10.63 3.15
CA GLN A 156 -11.97 11.52 2.37
C GLN A 156 -11.16 12.24 1.30
N LEU A 157 -11.82 12.37 0.16
CA LEU A 157 -11.27 12.98 -1.03
C LEU A 157 -11.75 14.42 -1.15
N ILE A 158 -10.82 15.36 -1.27
CA ILE A 158 -11.19 16.73 -1.65
C ILE A 158 -10.55 17.06 -2.98
N GLU A 159 -11.37 17.44 -3.96
CA GLU A 159 -10.86 17.81 -5.28
C GLU A 159 -10.60 19.28 -5.36
N THR A 160 -9.50 19.61 -5.99
CA THR A 160 -9.09 20.97 -6.11
C THR A 160 -8.07 21.03 -7.21
N GLU A 161 -7.84 22.24 -7.74
CA GLU A 161 -6.85 22.45 -8.79
C GLU A 161 -5.44 21.98 -8.34
N LEU A 162 -4.74 21.39 -9.30
CA LEU A 162 -3.37 20.89 -9.08
C LEU A 162 -2.39 22.05 -9.11
N SER A 163 -2.31 22.77 -8.00
CA SER A 163 -1.58 24.01 -7.93
C SER A 163 -1.53 24.52 -6.48
N LYS A 164 -0.68 25.51 -6.22
CA LYS A 164 -0.62 26.10 -4.91
C LYS A 164 -1.95 26.75 -4.57
N THR A 165 -2.57 27.48 -5.50
CA THR A 165 -3.88 28.10 -5.25
C THR A 165 -4.92 27.04 -4.94
N GLY A 166 -4.82 25.91 -5.63
CA GLY A 166 -5.70 24.79 -5.32
C GLY A 166 -5.65 24.28 -3.90
N GLY A 167 -4.43 24.05 -3.39
CA GLY A 167 -4.29 23.59 -1.99
C GLY A 167 -4.82 24.65 -1.02
N TYR A 168 -4.54 25.90 -1.33
CA TYR A 168 -5.04 27.03 -0.53
C TYR A 168 -6.55 27.04 -0.46
N GLN A 169 -7.20 26.88 -1.61
CA GLN A 169 -8.65 26.92 -1.68
C GLN A 169 -9.32 25.68 -1.09
N ALA A 170 -8.56 24.61 -0.86
CA ALA A 170 -9.10 23.42 -0.15
C ALA A 170 -9.20 23.58 1.38
N VAL A 171 -8.52 24.58 1.93
CA VAL A 171 -8.38 24.64 3.37
C VAL A 171 -9.72 24.83 4.09
N PRO A 172 -10.59 25.69 3.57
CA PRO A 172 -11.90 25.84 4.26
C PRO A 172 -12.68 24.52 4.40
N GLU A 173 -12.70 23.69 3.37
CA GLU A 173 -13.40 22.44 3.46
C GLU A 173 -12.71 21.50 4.46
N ILE A 174 -11.39 21.46 4.44
CA ILE A 174 -10.66 20.60 5.40
C ILE A 174 -10.97 20.93 6.85
N LEU A 175 -11.08 22.23 7.13
CA LEU A 175 -11.35 22.68 8.47
C LEU A 175 -12.72 22.25 9.00
N LYS A 176 -13.64 21.91 8.11
CA LYS A 176 -14.95 21.39 8.50
C LYS A 176 -14.93 19.91 8.85
N THR A 177 -13.82 19.20 8.60
CA THR A 177 -13.77 17.74 8.76
C THR A 177 -13.14 17.37 10.08
N GLU A 178 -13.19 16.07 10.42
CA GLU A 178 -12.55 15.51 11.62
C GLU A 178 -11.15 14.92 11.34
N SER A 179 -10.66 15.11 10.12
CA SER A 179 -9.38 14.54 9.70
C SER A 179 -8.16 15.15 10.42
N THR A 180 -7.10 14.36 10.53
CA THR A 180 -5.90 14.76 11.24
C THR A 180 -4.65 14.71 10.36
N GLY A 181 -4.75 14.04 9.22
CA GLY A 181 -3.61 13.79 8.34
C GLY A 181 -4.04 14.10 6.91
N ILE A 182 -3.16 14.69 6.12
CA ILE A 182 -3.54 15.07 4.78
C ILE A 182 -2.48 14.57 3.83
N PHE A 183 -2.90 13.83 2.79
CA PHE A 183 -2.01 13.49 1.66
C PHE A 183 -2.26 14.46 0.53
N ALA A 184 -1.31 15.36 0.28
CA ALA A 184 -1.38 16.28 -0.82
C ALA A 184 -0.77 15.61 -2.03
N ILE A 185 -1.50 15.55 -3.14
CA ILE A 185 -1.08 14.70 -4.25
C ILE A 185 0.09 15.29 -5.02
N ASN A 186 0.41 16.56 -4.76
CA ASN A 186 1.73 17.05 -5.13
C ASN A 186 2.20 18.12 -4.13
N ASP A 187 3.48 18.46 -4.21
CA ASP A 187 4.08 19.41 -3.25
C ASP A 187 3.46 20.80 -3.42
N GLU A 188 3.15 21.21 -4.62
CA GLU A 188 2.48 22.51 -4.82
C GLU A 188 1.15 22.61 -4.07
N ILE A 189 0.32 21.57 -4.15
CA ILE A 189 -0.89 21.54 -3.31
C ILE A 189 -0.55 21.68 -1.82
N ALA A 190 0.44 20.94 -1.36
CA ALA A 190 0.87 20.98 0.02
C ALA A 190 1.28 22.40 0.45
N PHE A 191 2.01 23.09 -0.42
CA PHE A 191 2.39 24.48 -0.10
C PHE A 191 1.16 25.36 0.06
N GLY A 192 0.13 25.08 -0.72
CA GLY A 192 -1.13 25.82 -0.63
C GLY A 192 -1.82 25.60 0.68
N LEU A 193 -1.88 24.34 1.09
CA LEU A 193 -2.34 23.94 2.42
C LEU A 193 -1.63 24.66 3.54
N TYR A 194 -0.31 24.65 3.49
CA TYR A 194 0.50 25.39 4.48
C TYR A 194 0.00 26.83 4.63
N ARG A 195 -0.13 27.55 3.52
CA ARG A 195 -0.57 28.93 3.55
C ARG A 195 -1.97 29.08 4.12
N GLY A 196 -2.91 28.24 3.70
CA GLY A 196 -4.27 28.39 4.15
C GLY A 196 -4.40 28.04 5.61
N LEU A 197 -3.70 26.97 6.02
CA LEU A 197 -3.71 26.58 7.41
C LEU A 197 -3.08 27.70 8.28
N ALA A 198 -2.01 28.32 7.81
CA ALA A 198 -1.38 29.38 8.56
C ALA A 198 -2.38 30.55 8.78
N GLU A 199 -3.13 30.90 7.75
CA GLU A 199 -4.12 31.98 7.87
C GLU A 199 -5.22 31.65 8.87
N ALA A 200 -5.43 30.36 9.08
CA ALA A 200 -6.40 29.92 10.04
C ALA A 200 -5.80 29.69 11.41
N GLY A 201 -4.52 29.99 11.60
CA GLY A 201 -3.84 29.72 12.88
C GLY A 201 -3.76 28.25 13.27
N LYS A 202 -3.70 27.36 12.28
CA LYS A 202 -3.58 25.94 12.55
C LYS A 202 -2.13 25.55 12.35
N LYS A 203 -1.64 24.72 13.25
CA LYS A 203 -0.26 24.34 13.27
C LYS A 203 0.00 23.02 12.52
N ILE A 204 1.17 22.93 11.91
CA ILE A 204 1.67 21.71 11.29
C ILE A 204 2.99 21.36 11.98
N PRO A 205 3.13 20.19 12.58
CA PRO A 205 2.17 19.05 12.52
C PRO A 205 1.25 18.95 13.73
N GLU A 206 1.28 19.94 14.62
CA GLU A 206 0.48 19.85 15.86
C GLU A 206 -1.00 19.70 15.61
N ASP A 207 -1.55 20.46 14.65
CA ASP A 207 -2.96 20.33 14.28
C ASP A 207 -3.19 19.40 13.10
N TYR A 208 -2.35 19.50 12.06
CA TYR A 208 -2.46 18.63 10.90
C TYR A 208 -1.11 18.13 10.48
N SER A 209 -1.06 16.83 10.21
CA SER A 209 0.08 16.15 9.63
C SER A 209 -0.17 16.19 8.16
N ILE A 210 0.85 16.61 7.40
CA ILE A 210 0.79 16.65 5.96
C ILE A 210 1.97 15.94 5.32
N ILE A 211 1.64 15.16 4.30
CA ILE A 211 2.64 14.54 3.42
C ILE A 211 2.33 14.91 1.98
N GLY A 212 3.38 15.35 1.28
CA GLY A 212 3.33 15.77 -0.08
C GLY A 212 3.73 14.72 -1.10
N TYR A 213 3.97 15.16 -2.32
CA TYR A 213 4.49 14.32 -3.36
C TYR A 213 5.35 15.10 -4.38
N ASP A 214 6.57 14.61 -4.57
CA ASP A 214 7.55 15.02 -5.61
C ASP A 214 8.95 15.19 -5.04
N ASN A 215 9.02 15.83 -3.89
CA ASN A 215 10.27 16.29 -3.31
C ASN A 215 10.93 17.37 -4.09
N VAL A 216 10.16 18.39 -4.44
CA VAL A 216 10.73 19.53 -5.14
C VAL A 216 11.64 20.26 -4.13
N ASP A 217 12.49 21.14 -4.63
CA ASP A 217 13.54 21.70 -3.78
C ASP A 217 12.98 22.52 -2.62
N MET A 218 11.87 23.21 -2.88
CA MET A 218 11.18 24.02 -1.87
C MET A 218 10.74 23.28 -0.61
N CYS A 219 10.68 21.93 -0.66
CA CYS A 219 10.23 21.16 0.51
C CYS A 219 11.06 21.48 1.77
N GLU A 220 12.34 21.76 1.57
CA GLU A 220 13.28 22.02 2.68
C GLU A 220 13.27 23.49 3.13
N TYR A 221 12.58 24.36 2.40
CA TYR A 221 12.48 25.79 2.70
C TYR A 221 11.14 26.28 3.28
N VAL A 222 10.15 25.40 3.31
CA VAL A 222 8.90 25.72 3.99
C VAL A 222 9.03 25.33 5.47
N SER A 223 8.06 25.77 6.27
CA SER A 223 8.10 25.59 7.72
C SER A 223 6.81 24.98 8.18
N PRO A 224 6.88 23.74 8.68
CA PRO A 224 8.09 22.96 8.80
C PRO A 224 8.51 22.27 7.48
N PRO A 225 9.77 21.76 7.40
CA PRO A 225 10.18 21.06 6.19
C PRO A 225 9.21 19.91 5.90
N LEU A 226 8.88 19.77 4.62
CA LEU A 226 7.76 18.93 4.16
C LEU A 226 8.22 17.47 3.87
N THR A 227 7.55 16.57 4.56
CA THR A 227 7.65 15.13 4.38
C THR A 227 6.93 14.85 3.09
N THR A 228 7.55 14.03 2.26
CA THR A 228 7.07 13.88 0.89
C THR A 228 7.57 12.59 0.25
N ILE A 229 7.01 12.26 -0.91
CA ILE A 229 7.48 11.15 -1.71
C ILE A 229 8.34 11.68 -2.80
N ALA A 230 9.58 11.22 -2.88
CA ALA A 230 10.50 11.74 -3.86
C ALA A 230 10.41 11.01 -5.20
N GLN A 231 10.19 11.77 -6.26
CA GLN A 231 10.36 11.31 -7.64
C GLN A 231 11.73 11.72 -8.14
N PRO A 232 12.41 10.84 -8.91
CA PRO A 232 13.73 11.14 -9.44
C PRO A 232 13.63 11.88 -10.74
N VAL A 233 13.24 13.15 -10.64
CA VAL A 233 12.79 13.91 -11.81
C VAL A 233 13.89 14.30 -12.74
N PHE A 234 15.06 14.66 -12.19
CA PHE A 234 16.22 14.97 -13.04
C PHE A 234 16.56 13.75 -13.85
N GLN A 235 16.62 12.62 -13.14
CA GLN A 235 16.94 11.34 -13.78
C GLN A 235 15.85 10.89 -14.74
N LEU A 236 14.59 11.20 -14.43
CA LEU A 236 13.50 10.95 -15.39
C LEU A 236 13.73 11.71 -16.70
N GLY A 237 14.15 12.98 -16.60
CA GLY A 237 14.41 13.79 -17.77
C GLY A 237 15.63 13.26 -18.55
N GLN A 238 16.68 12.88 -17.85
CA GLN A 238 17.83 12.31 -18.53
C GLN A 238 17.49 10.99 -19.27
N THR A 239 16.79 10.11 -18.59
CA THR A 239 16.45 8.81 -19.14
C THR A 239 15.51 8.95 -20.35
N THR A 240 14.54 9.85 -20.23
CA THR A 240 13.61 10.13 -21.32
C THR A 240 14.30 10.63 -22.58
N ALA A 241 15.22 11.58 -22.45
CA ALA A 241 15.97 12.10 -23.60
C ALA A 241 16.87 11.03 -24.17
N THR A 242 17.43 10.22 -23.29
CA THR A 242 18.43 9.24 -23.71
C THR A 242 17.74 8.24 -24.59
N LEU A 243 16.61 7.74 -24.11
CA LEU A 243 15.84 6.78 -24.89
C LEU A 243 15.33 7.34 -26.19
N LEU A 244 14.99 8.63 -26.23
CA LEU A 244 14.51 9.20 -27.48
C LEU A 244 15.63 9.33 -28.47
N LEU A 245 16.78 9.82 -28.02
CA LEU A 245 17.91 9.94 -28.93
C LEU A 245 18.38 8.59 -29.48
N GLU A 246 18.14 7.52 -28.70
CA GLU A 246 18.45 6.17 -29.15
C GLU A 246 17.56 5.76 -30.31
N ARG A 247 16.29 6.17 -30.30
CA ARG A 247 15.40 5.83 -31.40
C ARG A 247 15.74 6.69 -32.62
N ILE A 248 16.10 7.93 -32.39
CA ILE A 248 16.47 8.81 -33.48
C ILE A 248 17.65 8.19 -34.22
N HIS A 249 18.58 7.57 -33.49
CA HIS A 249 19.78 7.01 -34.10
C HIS A 249 19.58 5.60 -34.63
N GLN A 250 18.64 4.85 -34.06
CA GLN A 250 18.23 3.57 -34.65
C GLN A 250 16.69 3.39 -34.61
N PRO A 251 16.02 3.91 -35.67
CA PRO A 251 14.56 4.03 -35.68
C PRO A 251 13.78 2.76 -35.39
N ALA A 252 14.38 1.62 -35.65
CA ALA A 252 13.63 0.37 -35.59
C ALA A 252 13.81 -0.38 -34.26
N LYS A 253 14.47 0.24 -33.27
CA LYS A 253 14.66 -0.44 -31.97
C LYS A 253 13.37 -0.75 -31.25
N ASP A 254 13.39 -1.73 -30.33
CA ASP A 254 12.17 -2.15 -29.68
C ASP A 254 11.61 -1.05 -28.78
N TRP A 255 10.30 -1.09 -28.59
CA TRP A 255 9.59 -0.21 -27.69
C TRP A 255 10.01 -0.51 -26.28
N GLU A 256 10.36 0.52 -25.51
CA GLU A 256 10.88 0.34 -24.18
C GLU A 256 10.06 1.16 -23.19
N GLU A 257 9.65 0.52 -22.12
CA GLU A 257 8.91 1.19 -21.08
C GLU A 257 9.52 0.86 -19.72
N GLN A 258 10.20 1.84 -19.14
CA GLN A 258 10.83 1.70 -17.82
C GLN A 258 10.06 2.43 -16.74
N THR A 259 10.08 1.88 -15.52
CA THR A 259 9.57 2.56 -14.34
C THR A 259 10.70 2.86 -13.35
N LEU A 260 10.87 4.14 -13.00
CA LEU A 260 11.84 4.56 -12.00
C LEU A 260 11.19 4.54 -10.61
N PRO A 261 11.96 4.14 -9.60
CA PRO A 261 11.46 4.01 -8.24
C PRO A 261 11.28 5.36 -7.52
N VAL A 262 10.49 5.34 -6.46
CA VAL A 262 10.27 6.51 -5.60
C VAL A 262 10.60 6.12 -4.15
N GLN A 263 10.78 7.09 -3.27
CA GLN A 263 10.96 6.80 -1.82
C GLN A 263 10.42 7.91 -0.95
N LEU A 264 10.06 7.54 0.27
CA LEU A 264 9.63 8.46 1.30
C LEU A 264 10.80 9.27 1.84
N ILE A 265 10.60 10.56 1.95
CA ILE A 265 11.57 11.47 2.57
C ILE A 265 10.90 12.03 3.77
N GLU A 266 11.32 11.59 4.95
CA GLU A 266 10.69 12.04 6.18
C GLU A 266 11.36 13.30 6.66
N ARG A 267 10.54 14.33 6.86
CA ARG A 267 11.00 15.59 7.40
C ARG A 267 10.21 15.91 8.65
N PHE A 268 9.56 17.07 8.72
CA PHE A 268 9.01 17.52 9.97
C PHE A 268 7.56 17.91 9.90
N SER A 269 6.88 17.52 8.84
CA SER A 269 5.48 17.95 8.69
C SER A 269 4.43 16.94 9.14
N THR A 270 4.86 15.80 9.66
CA THR A 270 3.95 14.87 10.33
C THR A 270 4.38 14.57 11.74
N ALA A 271 3.42 14.13 12.56
CA ALA A 271 3.70 13.69 13.89
C ALA A 271 2.69 12.63 14.36
N PRO A 272 3.09 11.81 15.33
CA PRO A 272 2.13 10.78 15.76
C PRO A 272 0.91 11.39 16.39
N LEU A 273 -0.25 10.87 16.05
CA LEU A 273 -1.47 11.36 16.70
C LEU A 273 -1.40 11.01 18.18
N LYS A 274 -1.59 12.01 19.03
CA LYS A 274 -1.41 11.90 20.47
C LYS A 274 -2.78 11.84 21.16
N LYS B 8 9.16 29.29 -38.37
CA LYS B 8 9.31 30.56 -37.60
C LYS B 8 9.80 30.30 -36.18
N THR B 9 11.02 30.73 -35.88
CA THR B 9 11.70 30.28 -34.66
C THR B 9 12.34 31.42 -33.92
N ILE B 10 12.25 31.36 -32.58
CA ILE B 10 12.85 32.35 -31.70
C ILE B 10 13.69 31.62 -30.66
N GLY B 11 14.97 31.97 -30.57
CA GLY B 11 15.81 31.31 -29.59
C GLY B 11 15.76 32.18 -28.35
N VAL B 12 15.59 31.53 -27.19
CA VAL B 12 15.49 32.26 -25.91
C VAL B 12 16.55 31.72 -24.96
N ILE B 13 17.47 32.60 -24.61
CA ILE B 13 18.58 32.25 -23.78
C ILE B 13 18.40 32.88 -22.39
N VAL B 14 18.17 32.03 -21.39
CA VAL B 14 18.00 32.45 -20.00
C VAL B 14 19.01 31.74 -19.13
N PRO B 15 19.34 32.34 -17.97
CA PRO B 15 20.27 31.70 -17.06
C PRO B 15 19.80 30.30 -16.61
N ASP B 16 18.60 30.20 -16.04
CA ASP B 16 18.00 28.91 -15.76
C ASP B 16 16.52 29.00 -15.46
N ILE B 17 15.79 28.10 -16.09
CA ILE B 17 14.33 27.97 -15.99
C ILE B 17 13.82 27.47 -14.63
N THR B 18 14.70 26.90 -13.81
CA THR B 18 14.30 26.50 -12.46
C THR B 18 14.14 27.67 -11.51
N ASN B 19 14.56 28.85 -11.91
CA ASN B 19 14.21 30.03 -11.13
C ASN B 19 12.88 30.52 -11.59
N PRO B 20 11.89 30.55 -10.69
CA PRO B 20 10.54 30.91 -11.07
C PRO B 20 10.51 32.22 -11.82
N PHE B 21 11.38 33.18 -11.49
CA PHE B 21 11.47 34.40 -12.27
C PHE B 21 11.58 34.11 -13.80
N PHE B 22 12.54 33.27 -14.17
CA PHE B 22 12.76 32.96 -15.56
C PHE B 22 11.64 32.12 -16.18
N ALA B 23 11.05 31.23 -15.40
CA ALA B 23 9.82 30.52 -15.84
C ALA B 23 8.74 31.50 -16.24
N GLN B 24 8.49 32.51 -15.40
CA GLN B 24 7.43 33.48 -15.68
C GLN B 24 7.82 34.40 -16.85
N LEU B 25 9.09 34.69 -16.99
CA LEU B 25 9.54 35.47 -18.15
C LEU B 25 9.15 34.73 -19.44
N ILE B 26 9.44 33.43 -19.46
CA ILE B 26 9.20 32.62 -20.64
C ILE B 26 7.73 32.59 -20.94
N ARG B 27 6.92 32.48 -19.89
CA ARG B 27 5.47 32.56 -20.03
C ARG B 27 5.01 33.85 -20.69
N GLY B 28 5.61 34.97 -20.30
CA GLY B 28 5.29 36.24 -20.92
C GLY B 28 5.64 36.22 -22.41
N ILE B 29 6.85 35.75 -22.70
CA ILE B 29 7.31 35.61 -24.10
C ILE B 29 6.34 34.79 -24.94
N GLU B 30 6.00 33.62 -24.41
CA GLU B 30 5.11 32.69 -25.04
C GLU B 30 3.71 33.23 -25.30
N SER B 31 3.23 34.13 -24.45
CA SER B 31 1.87 34.66 -24.65
C SER B 31 1.77 35.42 -25.95
N VAL B 32 2.89 36.01 -26.36
CA VAL B 32 3.01 36.64 -27.66
C VAL B 32 3.32 35.60 -28.74
N LEU B 33 4.42 34.86 -28.59
CA LEU B 33 4.92 33.95 -29.63
C LEU B 33 3.95 32.87 -30.04
N TYR B 34 3.25 32.27 -29.08
CA TYR B 34 2.35 31.18 -29.42
C TYR B 34 1.21 31.60 -30.36
N LYS B 35 0.59 32.73 -30.06
CA LYS B 35 -0.52 33.26 -30.87
C LYS B 35 -0.09 33.58 -32.29
N GLU B 36 1.18 33.96 -32.47
CA GLU B 36 1.76 34.27 -33.77
C GLU B 36 2.46 33.05 -34.42
N ASN B 37 2.13 31.88 -33.89
CA ASN B 37 2.67 30.60 -34.32
C ASN B 37 4.20 30.48 -34.41
N PHE B 38 4.93 31.10 -33.50
CA PHE B 38 6.38 30.89 -33.46
C PHE B 38 6.74 29.66 -32.62
N ILE B 39 7.92 29.14 -32.92
CA ILE B 39 8.54 28.02 -32.19
C ILE B 39 9.46 28.69 -31.21
N LEU B 40 9.53 28.19 -29.98
CA LEU B 40 10.46 28.73 -28.95
C LEU B 40 11.53 27.68 -28.63
N ILE B 41 12.77 28.03 -28.97
CA ILE B 41 13.91 27.19 -28.70
C ILE B 41 14.48 27.69 -27.38
N LEU B 42 14.56 26.80 -26.40
CA LEU B 42 15.00 27.20 -25.09
C LEU B 42 16.48 26.87 -24.98
N CYS B 43 17.23 27.77 -24.34
CA CYS B 43 18.59 27.45 -23.92
C CYS B 43 18.72 27.92 -22.48
N ASN B 44 18.96 26.99 -21.57
CA ASN B 44 19.35 27.34 -20.20
C ASN B 44 20.84 27.52 -20.18
N ALA B 45 21.28 28.76 -20.16
CA ALA B 45 22.71 29.02 -20.26
C ALA B 45 23.50 28.38 -19.14
N ASP B 46 22.88 28.25 -17.96
CA ASP B 46 23.47 27.60 -16.79
C ASP B 46 23.98 26.22 -17.07
N GLN B 47 23.32 25.49 -17.96
CA GLN B 47 23.68 24.10 -18.14
C GLN B 47 24.78 23.82 -19.16
N ASP B 48 25.32 24.86 -19.80
CA ASP B 48 26.49 24.66 -20.66
C ASP B 48 27.71 24.92 -19.80
N VAL B 49 28.27 23.83 -19.30
CA VAL B 49 29.44 23.90 -18.43
C VAL B 49 30.72 23.49 -19.13
N THR B 50 30.72 23.50 -20.47
CA THR B 50 31.94 23.20 -21.22
C THR B 50 32.93 24.36 -21.09
N ARG B 51 34.22 24.08 -21.28
CA ARG B 51 35.25 25.10 -21.13
C ARG B 51 34.97 26.28 -22.07
N GLU B 52 34.67 25.97 -23.33
CA GLU B 52 34.46 27.01 -24.35
C GLU B 52 32.99 27.48 -24.49
N HIS B 53 32.08 27.00 -23.65
CA HIS B 53 30.63 27.22 -23.86
C HIS B 53 30.23 26.84 -25.31
N GLU B 54 30.58 25.61 -25.68
CA GLU B 54 30.44 25.15 -27.05
C GLU B 54 28.98 25.07 -27.47
N TYR B 55 28.08 24.78 -26.52
CA TYR B 55 26.64 24.69 -26.82
C TYR B 55 26.08 26.05 -27.13
N LEU B 56 26.44 27.04 -26.32
CA LEU B 56 25.99 28.41 -26.57
C LEU B 56 26.48 28.93 -27.94
N THR B 57 27.73 28.63 -28.30
CA THR B 57 28.25 28.96 -29.63
C THR B 57 27.45 28.22 -30.72
N GLU B 58 27.31 26.92 -30.57
CA GLU B 58 26.51 26.14 -31.52
C GLU B 58 25.14 26.81 -31.71
N LEU B 59 24.50 27.17 -30.60
CA LEU B 59 23.09 27.63 -30.65
C LEU B 59 22.98 29.01 -31.29
N ILE B 60 23.88 29.89 -30.90
CA ILE B 60 23.85 31.27 -31.37
C ILE B 60 24.17 31.39 -32.85
N ARG B 61 24.78 30.35 -33.40
CA ARG B 61 25.02 30.29 -34.82
C ARG B 61 23.85 29.73 -35.64
N ARG B 62 22.77 29.32 -34.99
CA ARG B 62 21.65 28.77 -35.70
C ARG B 62 20.89 29.87 -36.45
N SER B 63 20.38 29.51 -37.63
CA SER B 63 19.50 30.36 -38.42
C SER B 63 18.08 30.41 -37.85
N VAL B 64 17.82 31.39 -36.98
CA VAL B 64 16.47 31.61 -36.48
C VAL B 64 15.95 32.96 -36.96
N ASP B 65 14.70 33.23 -36.65
CA ASP B 65 14.15 34.54 -36.95
C ASP B 65 14.56 35.58 -35.96
N GLY B 66 14.86 35.14 -34.74
CA GLY B 66 15.40 36.07 -33.79
C GLY B 66 15.80 35.46 -32.47
N PHE B 67 16.57 36.24 -31.72
CA PHE B 67 17.00 35.83 -30.37
C PHE B 67 16.52 36.79 -29.28
N VAL B 68 16.08 36.18 -28.19
CA VAL B 68 15.96 36.88 -26.90
C VAL B 68 17.12 36.46 -26.01
N ILE B 69 17.88 37.45 -25.55
CA ILE B 69 19.11 37.20 -24.83
C ILE B 69 19.02 37.87 -23.46
N ALA B 70 18.88 37.03 -22.43
CA ALA B 70 18.80 37.49 -21.05
C ALA B 70 20.00 37.03 -20.25
N SER B 71 21.01 36.51 -20.95
CA SER B 71 22.21 35.98 -20.32
C SER B 71 23.40 36.78 -20.76
N SER B 72 24.29 37.06 -19.83
CA SER B 72 25.52 37.77 -20.16
C SER B 72 26.55 36.88 -20.83
N GLU B 73 26.28 35.58 -20.89
CA GLU B 73 27.19 34.60 -21.50
C GLU B 73 27.25 34.67 -23.03
N ILE B 74 26.41 35.49 -23.64
CA ILE B 74 26.58 35.78 -25.05
C ILE B 74 27.26 37.13 -25.17
N SER B 75 28.51 37.15 -25.65
CA SER B 75 29.28 38.40 -25.67
C SER B 75 28.80 39.26 -26.81
N ASN B 76 29.12 40.55 -26.73
CA ASN B 76 28.77 41.49 -27.78
C ASN B 76 29.53 41.16 -29.03
N GLN B 77 30.75 40.66 -28.88
CA GLN B 77 31.51 40.27 -30.05
C GLN B 77 30.77 39.15 -30.77
N THR B 78 30.40 38.12 -30.03
CA THR B 78 29.66 36.99 -30.60
C THR B 78 28.40 37.48 -31.31
N ILE B 79 27.70 38.42 -30.69
CA ILE B 79 26.51 38.98 -31.30
C ILE B 79 26.81 39.75 -32.59
N ASN B 80 27.85 40.56 -32.55
CA ASN B 80 28.18 41.41 -33.68
C ASN B 80 28.59 40.55 -34.86
N GLU B 81 29.46 39.58 -34.61
CA GLU B 81 29.96 38.74 -35.68
C GLU B 81 28.91 37.74 -36.17
N THR B 82 28.11 37.20 -35.26
CA THR B 82 27.13 36.20 -35.68
C THR B 82 25.79 36.84 -36.02
N LEU B 83 25.17 37.58 -35.10
CA LEU B 83 23.81 38.02 -35.36
C LEU B 83 23.73 39.24 -36.27
N ARG B 84 24.49 40.29 -35.96
CA ARG B 84 24.47 41.50 -36.76
C ARG B 84 24.88 41.20 -38.19
N ALA B 85 26.01 40.53 -38.35
CA ALA B 85 26.52 40.18 -39.69
C ALA B 85 25.54 39.34 -40.53
N LYS B 86 24.69 38.55 -39.88
CA LYS B 86 23.69 37.73 -40.58
C LYS B 86 22.30 38.36 -40.63
N LYS B 87 22.21 39.55 -40.03
CA LYS B 87 20.96 40.30 -39.93
C LYS B 87 19.85 39.48 -39.28
N ILE B 88 20.22 38.80 -38.20
CA ILE B 88 19.20 38.15 -37.36
C ILE B 88 18.93 39.15 -36.23
N PRO B 89 17.67 39.59 -36.11
CA PRO B 89 17.32 40.55 -35.07
C PRO B 89 17.37 39.92 -33.69
N PHE B 90 17.67 40.73 -32.68
CA PHE B 90 17.68 40.25 -31.31
C PHE B 90 17.34 41.37 -30.33
N ILE B 91 17.13 40.97 -29.09
CA ILE B 91 16.81 41.94 -28.04
C ILE B 91 17.45 41.43 -26.75
N VAL B 92 17.95 42.35 -25.92
CA VAL B 92 18.64 41.98 -24.69
C VAL B 92 17.83 42.44 -23.50
N LEU B 93 18.02 41.77 -22.38
CA LEU B 93 17.31 42.11 -21.14
C LEU B 93 17.96 41.47 -19.95
N ASP B 94 17.58 41.93 -18.76
CA ASP B 94 18.02 41.29 -17.52
C ASP B 94 19.54 41.28 -17.35
N GLN B 95 20.18 40.10 -17.29
CA GLN B 95 21.59 40.02 -17.01
C GLN B 95 22.46 40.38 -18.21
N LYS B 96 21.86 40.49 -19.38
CA LYS B 96 22.57 41.04 -20.55
C LYS B 96 22.36 42.55 -20.65
N LYS B 97 23.46 43.27 -20.39
CA LYS B 97 23.54 44.71 -20.51
C LYS B 97 23.27 45.14 -21.95
N ALA B 98 22.48 46.20 -22.07
CA ALA B 98 22.21 46.84 -23.36
C ALA B 98 23.20 47.96 -23.61
N GLU B 99 23.65 48.05 -24.86
CA GLU B 99 24.31 49.22 -25.41
C GLU B 99 23.26 49.98 -26.23
N GLY B 100 23.69 51.05 -26.91
CA GLY B 100 22.80 51.88 -27.71
C GLY B 100 22.22 51.23 -28.95
N PHE B 101 22.95 50.26 -29.50
CA PHE B 101 22.68 49.78 -30.85
C PHE B 101 21.94 48.46 -30.83
N SER B 102 20.97 48.36 -29.95
CA SER B 102 20.16 47.16 -29.87
C SER B 102 18.96 47.55 -29.08
N ASP B 103 17.89 46.83 -29.34
CA ASP B 103 16.70 46.91 -28.51
C ASP B 103 17.02 46.32 -27.14
N ALA B 104 16.26 46.74 -26.13
CA ALA B 104 16.42 46.27 -24.75
C ALA B 104 15.22 46.63 -23.94
N VAL B 105 14.79 45.69 -23.08
CA VAL B 105 13.78 45.96 -22.05
C VAL B 105 14.42 45.79 -20.68
N LEU B 106 14.45 46.87 -19.90
CA LEU B 106 15.02 46.82 -18.57
C LEU B 106 13.90 46.88 -17.51
N THR B 107 14.30 46.58 -16.27
CA THR B 107 13.52 46.96 -15.12
C THR B 107 14.42 47.83 -14.26
N ASP B 108 13.79 48.67 -13.45
CA ASP B 108 14.49 49.68 -12.70
C ASP B 108 15.17 49.08 -11.44
N ASP B 109 16.32 48.45 -11.65
CA ASP B 109 17.04 47.79 -10.56
C ASP B 109 17.54 48.78 -9.51
N TYR B 110 18.08 49.93 -9.94
CA TYR B 110 18.50 50.95 -9.01
C TYR B 110 17.40 51.43 -8.07
N ARG B 111 16.25 51.80 -8.63
CA ARG B 111 15.14 52.23 -7.81
C ARG B 111 14.64 51.12 -6.91
N GLY B 112 14.67 49.90 -7.40
CA GLY B 112 14.31 48.73 -6.57
C GLY B 112 15.15 48.63 -5.32
N GLY B 113 16.44 48.80 -5.47
CA GLY B 113 17.34 48.78 -4.36
C GLY B 113 17.05 49.92 -3.41
N GLN B 114 16.75 51.09 -3.96
CA GLN B 114 16.41 52.23 -3.12
C GLN B 114 15.10 52.00 -2.34
N LEU B 115 14.15 51.34 -2.98
CA LEU B 115 12.85 51.05 -2.36
C LEU B 115 13.00 50.04 -1.19
N ALA B 116 13.84 49.02 -1.38
CA ALA B 116 14.13 48.04 -0.32
C ALA B 116 14.79 48.78 0.83
N ALA B 117 15.74 49.66 0.52
CA ALA B 117 16.43 50.40 1.58
C ALA B 117 15.49 51.34 2.31
N LYS B 118 14.63 52.03 1.56
CA LYS B 118 13.70 52.95 2.20
C LYS B 118 12.77 52.18 3.13
N HIS B 119 12.38 50.99 2.74
CA HIS B 119 11.50 50.21 3.58
C HIS B 119 12.21 49.84 4.90
N LEU B 120 13.47 49.38 4.83
CA LEU B 120 14.19 48.97 6.03
C LEU B 120 14.45 50.19 6.93
N GLN B 121 14.61 51.36 6.33
CA GLN B 121 14.82 52.62 7.06
CA GLN B 121 14.81 52.58 7.11
C GLN B 121 13.55 53.06 7.78
N GLU B 122 12.41 52.94 7.09
CA GLU B 122 11.10 53.22 7.69
C GLU B 122 10.80 52.27 8.85
N GLN B 123 11.33 51.05 8.74
CA GLN B 123 11.23 50.01 9.77
C GLN B 123 12.35 50.12 10.82
N ARG B 124 13.07 51.24 10.78
CA ARG B 124 14.02 51.71 11.81
C ARG B 124 15.28 50.95 11.92
N HIS B 125 15.61 50.15 10.92
CA HIS B 125 16.87 49.39 10.96
C HIS B 125 18.07 50.27 10.62
N GLU B 126 19.10 50.18 11.43
CA GLU B 126 20.32 51.02 11.25
C GLU B 126 21.48 50.19 10.73
N GLN B 127 21.65 48.97 11.24
CA GLN B 127 22.73 48.09 10.74
CA GLN B 127 22.73 48.09 10.74
C GLN B 127 22.11 47.02 9.85
N VAL B 128 22.45 47.05 8.58
CA VAL B 128 21.88 46.12 7.62
C VAL B 128 22.94 45.38 6.82
N ILE B 129 22.50 44.26 6.25
CA ILE B 129 23.28 43.42 5.40
C ILE B 129 22.60 43.26 4.04
N VAL B 130 23.43 43.16 2.98
CA VAL B 130 22.96 42.82 1.66
C VAL B 130 23.59 41.50 1.29
N VAL B 131 22.76 40.57 0.84
CA VAL B 131 23.25 39.26 0.49
C VAL B 131 23.14 39.12 -1.00
N MET B 132 24.29 38.88 -1.66
CA MET B 132 24.29 38.86 -3.10
C MET B 132 25.47 38.07 -3.73
N PRO B 133 25.38 37.78 -5.04
CA PRO B 133 26.44 36.98 -5.66
C PRO B 133 27.64 37.85 -5.99
N PRO B 134 28.85 37.25 -5.98
CA PRO B 134 30.05 37.98 -6.38
C PRO B 134 30.06 38.20 -7.89
N HIS B 135 30.87 39.16 -8.35
CA HIS B 135 30.87 39.65 -9.73
C HIS B 135 29.48 39.60 -10.35
N ALA B 136 28.56 40.32 -9.72
CA ALA B 136 27.16 40.17 -10.08
C ALA B 136 26.92 40.72 -11.47
N PRO B 137 25.92 40.16 -12.17
CA PRO B 137 25.43 40.81 -13.36
C PRO B 137 25.12 42.24 -13.05
N VAL B 138 25.17 43.06 -14.08
CA VAL B 138 25.09 44.49 -13.93
C VAL B 138 23.75 44.94 -13.39
N ASN B 139 22.67 44.32 -13.87
CA ASN B 139 21.36 44.63 -13.39
C ASN B 139 21.26 44.36 -11.88
N ILE B 140 21.84 43.27 -11.38
CA ILE B 140 21.81 42.96 -9.95
C ILE B 140 22.68 43.92 -9.18
N GLN B 141 23.85 44.20 -9.71
CA GLN B 141 24.78 45.13 -9.07
C GLN B 141 24.11 46.46 -8.78
N GLN B 142 23.22 46.87 -9.67
CA GLN B 142 22.48 48.12 -9.57
C GLN B 142 21.57 48.14 -8.37
N ARG B 143 21.11 46.98 -7.94
CA ARG B 143 20.26 46.91 -6.76
C ARG B 143 21.05 47.32 -5.56
N LEU B 144 22.30 46.84 -5.48
CA LEU B 144 23.20 47.19 -4.40
C LEU B 144 23.49 48.67 -4.44
N LYS B 145 23.77 49.20 -5.62
CA LYS B 145 24.03 50.64 -5.78
C LYS B 145 22.86 51.50 -5.26
N GLY B 146 21.66 51.18 -5.71
CA GLY B 146 20.46 51.82 -5.24
C GLY B 146 20.30 51.76 -3.73
N PHE B 147 20.48 50.56 -3.17
CA PHE B 147 20.32 50.34 -1.74
C PHE B 147 21.30 51.19 -0.92
N CYS B 148 22.55 51.27 -1.39
CA CYS B 148 23.61 52.01 -0.72
C CYS B 148 23.48 53.54 -0.95
N SER B 149 22.65 53.98 -1.88
CA SER B 149 22.36 55.40 -2.07
C SER B 149 21.59 55.91 -0.86
N VAL B 150 20.93 54.99 -0.16
CA VAL B 150 20.10 55.29 1.00
C VAL B 150 20.83 54.96 2.29
N TYR B 151 21.30 53.71 2.41
CA TYR B 151 22.21 53.33 3.46
C TYR B 151 23.66 53.61 3.07
N THR B 152 24.15 54.81 3.40
CA THR B 152 25.48 55.29 2.99
C THR B 152 26.58 54.87 3.98
N GLU B 153 26.18 54.25 5.08
CA GLU B 153 27.09 53.63 6.02
C GLU B 153 26.30 52.51 6.74
N LYS B 154 27.01 51.71 7.53
CA LYS B 154 26.45 50.58 8.30
C LYS B 154 25.76 49.52 7.41
N VAL B 155 26.27 49.35 6.19
CA VAL B 155 25.90 48.24 5.28
C VAL B 155 27.01 47.22 5.17
N GLN B 156 26.73 45.97 5.50
CA GLN B 156 27.70 44.92 5.26
C GLN B 156 27.24 44.07 4.06
N LEU B 157 28.20 43.60 3.29
CA LEU B 157 27.90 42.77 2.12
C LEU B 157 28.28 41.32 2.42
N ILE B 158 27.35 40.39 2.22
CA ILE B 158 27.68 38.96 2.29
C ILE B 158 27.53 38.37 0.92
N GLU B 159 28.65 37.84 0.39
CA GLU B 159 28.66 37.27 -0.93
C GLU B 159 28.40 35.77 -0.90
N THR B 160 27.51 35.35 -1.78
CA THR B 160 27.07 33.98 -1.82
C THR B 160 26.40 33.71 -3.13
N GLU B 161 26.24 32.45 -3.45
CA GLU B 161 25.62 32.05 -4.70
C GLU B 161 24.18 32.56 -4.84
N LEU B 162 23.79 32.87 -6.06
CA LEU B 162 22.46 33.41 -6.36
C LEU B 162 21.43 32.26 -6.43
N SER B 163 21.01 31.78 -5.27
CA SER B 163 20.20 30.60 -5.16
C SER B 163 19.76 30.41 -3.71
N LYS B 164 18.83 29.48 -3.52
CA LYS B 164 18.38 29.10 -2.21
C LYS B 164 19.53 28.55 -1.38
N THR B 165 20.37 27.66 -1.94
CA THR B 165 21.48 27.10 -1.17
C THR B 165 22.46 28.24 -0.78
N GLY B 166 22.63 29.23 -1.65
CA GLY B 166 23.47 30.39 -1.35
C GLY B 166 22.99 31.18 -0.15
N GLY B 167 21.70 31.45 -0.11
CA GLY B 167 21.13 32.14 1.04
C GLY B 167 21.31 31.31 2.31
N TYR B 168 21.04 30.01 2.21
CA TYR B 168 21.24 29.10 3.34
C TYR B 168 22.70 29.16 3.87
N GLN B 169 23.65 29.10 2.96
CA GLN B 169 25.08 29.11 3.28
CA GLN B 169 25.05 29.06 3.36
C GLN B 169 25.55 30.39 3.94
N ALA B 170 24.85 31.49 3.66
CA ALA B 170 25.18 32.83 4.17
C ALA B 170 24.78 33.06 5.63
N VAL B 171 23.90 32.24 6.16
CA VAL B 171 23.38 32.49 7.49
C VAL B 171 24.43 32.49 8.61
N PRO B 172 25.38 31.57 8.56
CA PRO B 172 26.43 31.65 9.60
C PRO B 172 27.18 32.97 9.66
N GLU B 173 27.43 33.59 8.52
CA GLU B 173 28.08 34.89 8.49
C GLU B 173 27.17 35.99 9.03
N ILE B 174 25.91 35.88 8.70
CA ILE B 174 24.93 36.84 9.22
C ILE B 174 24.91 36.84 10.76
N LEU B 175 24.90 35.63 11.32
CA LEU B 175 24.80 35.44 12.75
C LEU B 175 25.96 36.07 13.53
N LYS B 176 27.10 36.20 12.87
CA LYS B 176 28.28 36.87 13.46
C LYS B 176 28.26 38.42 13.44
N THR B 177 27.24 39.02 12.85
CA THR B 177 27.18 40.47 12.73
C THR B 177 26.19 41.03 13.74
N GLU B 178 26.10 42.35 13.82
CA GLU B 178 25.10 42.99 14.67
C GLU B 178 23.94 43.52 13.83
N SER B 179 23.83 43.08 12.57
CA SER B 179 22.78 43.58 11.70
C SER B 179 21.41 43.06 12.12
N THR B 180 20.40 43.83 11.75
CA THR B 180 19.02 43.49 12.13
C THR B 180 18.05 43.34 10.95
N GLY B 181 18.49 43.91 9.82
CA GLY B 181 17.75 43.97 8.57
C GLY B 181 18.61 43.43 7.44
N ILE B 182 17.98 42.66 6.56
CA ILE B 182 18.69 41.95 5.48
C ILE B 182 17.96 42.16 4.20
N PHE B 183 18.67 42.65 3.17
CA PHE B 183 18.17 42.69 1.83
C PHE B 183 18.77 41.53 1.03
N ALA B 184 17.90 40.60 0.69
CA ALA B 184 18.23 39.46 -0.19
C ALA B 184 18.04 39.90 -1.62
N ILE B 185 19.09 39.77 -2.40
CA ILE B 185 19.08 40.37 -3.74
C ILE B 185 18.17 39.65 -4.68
N ASN B 186 17.69 38.47 -4.29
CA ASN B 186 16.50 37.89 -4.92
C ASN B 186 15.75 36.99 -3.94
N ASP B 187 14.54 36.61 -4.31
CA ASP B 187 13.68 35.84 -3.43
C ASP B 187 14.27 34.45 -3.12
N GLU B 188 14.92 33.84 -4.09
CA GLU B 188 15.57 32.57 -3.87
C GLU B 188 16.58 32.68 -2.72
N ILE B 189 17.43 33.72 -2.68
CA ILE B 189 18.35 33.87 -1.57
C ILE B 189 17.54 34.03 -0.27
N ALA B 190 16.43 34.75 -0.32
CA ALA B 190 15.66 34.98 0.90
C ALA B 190 15.12 33.69 1.47
N PHE B 191 14.63 32.81 0.58
CA PHE B 191 14.15 31.53 1.04
C PHE B 191 15.26 30.74 1.73
N GLY B 192 16.46 30.74 1.14
CA GLY B 192 17.62 30.21 1.83
C GLY B 192 17.84 30.79 3.23
N LEU B 193 17.71 32.12 3.38
CA LEU B 193 17.85 32.74 4.68
C LEU B 193 16.85 32.17 5.66
N TYR B 194 15.59 32.07 5.23
CA TYR B 194 14.53 31.47 6.06
C TYR B 194 14.95 30.11 6.60
N ARG B 195 15.37 29.20 5.71
CA ARG B 195 15.77 27.85 6.16
C ARG B 195 16.90 27.91 7.19
N GLY B 196 17.94 28.68 6.89
CA GLY B 196 19.10 28.76 7.75
C GLY B 196 18.80 29.40 9.09
N LEU B 197 17.98 30.45 9.09
CA LEU B 197 17.70 31.15 10.32
C LEU B 197 16.77 30.23 11.19
N ALA B 198 15.89 29.47 10.56
CA ALA B 198 15.03 28.52 11.30
C ALA B 198 15.95 27.52 12.03
N GLU B 199 16.90 26.97 11.31
CA GLU B 199 17.86 26.02 11.89
C GLU B 199 18.66 26.60 13.05
N ALA B 200 19.00 27.88 12.99
CA ALA B 200 19.74 28.52 14.07
C ALA B 200 18.86 28.98 15.24
N GLY B 201 17.56 28.76 15.14
CA GLY B 201 16.62 29.15 16.17
C GLY B 201 16.24 30.61 16.18
N LYS B 202 16.45 31.29 15.05
CA LYS B 202 16.13 32.71 14.91
C LYS B 202 14.77 32.96 14.25
N LYS B 203 14.11 34.02 14.67
CA LYS B 203 12.79 34.27 14.16
C LYS B 203 12.75 35.43 13.17
N ILE B 204 11.82 35.36 12.20
CA ILE B 204 11.57 36.47 11.26
C ILE B 204 10.09 36.90 11.46
N PRO B 205 9.79 38.17 11.70
CA PRO B 205 10.74 39.29 11.75
C PRO B 205 11.33 39.61 13.12
N GLU B 206 11.01 38.81 14.16
CA GLU B 206 11.40 39.20 15.50
C GLU B 206 12.91 39.37 15.71
N ASP B 207 13.71 38.50 15.13
CA ASP B 207 15.17 38.68 15.22
C ASP B 207 15.78 39.32 13.97
N TYR B 208 15.30 38.95 12.79
CA TYR B 208 15.74 39.59 11.54
C TYR B 208 14.57 39.98 10.67
N SER B 209 14.59 41.22 10.19
CA SER B 209 13.68 41.65 9.13
C SER B 209 14.33 41.34 7.79
N ILE B 210 13.59 40.75 6.87
CA ILE B 210 14.12 40.37 5.55
C ILE B 210 13.25 40.95 4.43
N ILE B 211 13.90 41.52 3.43
CA ILE B 211 13.23 41.93 2.19
C ILE B 211 13.99 41.30 0.99
N GLY B 212 13.19 40.73 0.10
CA GLY B 212 13.68 40.01 -1.07
C GLY B 212 13.62 40.85 -2.30
N TYR B 213 13.60 40.20 -3.47
CA TYR B 213 13.52 40.88 -4.76
C TYR B 213 13.00 39.89 -5.83
N ASP B 214 11.95 40.27 -6.54
CA ASP B 214 11.33 39.59 -7.70
C ASP B 214 9.81 39.52 -7.53
N ASN B 215 9.33 39.17 -6.33
CA ASN B 215 7.93 38.83 -6.11
C ASN B 215 7.51 37.53 -6.84
N VAL B 216 8.30 36.47 -6.72
CA VAL B 216 7.90 35.16 -7.26
C VAL B 216 6.70 34.64 -6.44
N ASP B 217 5.93 33.72 -7.02
CA ASP B 217 4.71 33.14 -6.41
CA ASP B 217 4.70 33.27 -6.36
C ASP B 217 4.94 32.68 -4.97
N MET B 218 6.07 32.02 -4.79
CA MET B 218 6.37 31.37 -3.49
C MET B 218 6.46 32.39 -2.33
N CYS B 219 6.60 33.69 -2.63
CA CYS B 219 6.67 34.68 -1.52
C CYS B 219 5.42 34.57 -0.61
N GLU B 220 4.30 34.20 -1.22
CA GLU B 220 3.05 34.10 -0.48
C GLU B 220 2.89 32.83 0.36
N TYR B 221 3.81 31.89 0.18
CA TYR B 221 3.67 30.57 0.76
C TYR B 221 4.76 30.21 1.78
N VAL B 222 5.70 31.14 1.99
CA VAL B 222 6.67 30.97 3.06
C VAL B 222 6.13 31.62 4.32
N SER B 223 6.81 31.38 5.42
CA SER B 223 6.30 31.83 6.71
C SER B 223 7.41 32.59 7.47
N PRO B 224 7.27 33.89 7.70
CA PRO B 224 6.15 34.70 7.24
C PRO B 224 6.17 34.99 5.72
N PRO B 225 5.02 35.36 5.17
CA PRO B 225 5.01 35.79 3.76
C PRO B 225 6.02 36.92 3.53
N LEU B 226 6.74 36.81 2.42
CA LEU B 226 7.92 37.59 2.20
C LEU B 226 7.65 38.96 1.51
N THR B 227 8.11 40.02 2.18
CA THR B 227 8.12 41.37 1.63
C THR B 227 9.23 41.41 0.60
N THR B 228 9.00 42.11 -0.50
CA THR B 228 9.89 42.01 -1.61
C THR B 228 9.62 43.14 -2.60
N ILE B 229 10.53 43.25 -3.56
CA ILE B 229 10.38 44.24 -4.65
C ILE B 229 9.89 43.47 -5.90
N ALA B 230 8.70 43.79 -6.37
CA ALA B 230 8.10 43.09 -7.50
C ALA B 230 8.70 43.56 -8.81
N GLN B 231 9.14 42.63 -9.64
CA GLN B 231 9.43 42.91 -11.04
C GLN B 231 8.23 42.48 -11.82
N PRO B 232 7.83 43.27 -12.84
CA PRO B 232 6.65 42.90 -13.64
C PRO B 232 7.08 41.91 -14.71
N VAL B 233 7.24 40.65 -14.32
CA VAL B 233 8.10 39.74 -15.11
C VAL B 233 7.36 39.17 -16.32
N PHE B 234 6.07 38.88 -16.16
CA PHE B 234 5.22 38.44 -17.28
C PHE B 234 5.17 39.51 -18.37
N GLN B 235 4.92 40.75 -17.96
CA GLN B 235 4.93 41.88 -18.86
C GLN B 235 6.31 42.16 -19.46
N LEU B 236 7.38 41.93 -18.71
CA LEU B 236 8.72 42.03 -19.26
C LEU B 236 8.85 41.05 -20.43
N GLY B 237 8.44 39.81 -20.19
CA GLY B 237 8.33 38.78 -21.25
C GLY B 237 7.55 39.23 -22.48
N GLN B 238 6.37 39.77 -22.26
CA GLN B 238 5.51 40.27 -23.36
C GLN B 238 6.11 41.37 -24.18
N THR B 239 6.68 42.35 -23.51
CA THR B 239 7.21 43.52 -24.16
C THR B 239 8.46 43.18 -24.96
N THR B 240 9.24 42.25 -24.43
CA THR B 240 10.48 41.77 -25.07
C THR B 240 10.15 41.10 -26.40
N ALA B 241 9.21 40.18 -26.36
CA ALA B 241 8.72 39.47 -27.55
C ALA B 241 8.03 40.42 -28.53
N THR B 242 7.38 41.45 -28.04
CA THR B 242 6.76 42.40 -28.94
C THR B 242 7.84 43.21 -29.68
N LEU B 243 8.78 43.77 -28.94
CA LEU B 243 9.83 44.55 -29.58
C LEU B 243 10.60 43.75 -30.63
N LEU B 244 10.82 42.45 -30.38
CA LEU B 244 11.60 41.62 -31.31
C LEU B 244 10.84 41.43 -32.63
N LEU B 245 9.60 41.01 -32.52
CA LEU B 245 8.73 40.87 -33.68
C LEU B 245 8.51 42.19 -34.42
N GLU B 246 8.56 43.30 -33.69
CA GLU B 246 8.48 44.61 -34.33
C GLU B 246 9.70 44.86 -35.22
N ARG B 247 10.88 44.48 -34.73
CA ARG B 247 12.13 44.61 -35.49
C ARG B 247 12.16 43.65 -36.67
N ILE B 248 11.49 42.53 -36.52
CA ILE B 248 11.45 41.54 -37.58
C ILE B 248 10.69 42.09 -38.79
N HIS B 249 9.54 42.69 -38.53
CA HIS B 249 8.71 43.22 -39.59
C HIS B 249 9.07 44.63 -39.97
N GLN B 250 10.04 45.21 -39.26
CA GLN B 250 10.61 46.48 -39.66
C GLN B 250 12.08 46.63 -39.26
N PRO B 251 12.97 45.95 -39.98
CA PRO B 251 14.37 45.93 -39.52
C PRO B 251 15.12 47.27 -39.40
N ALA B 252 14.62 48.33 -40.03
CA ALA B 252 15.25 49.65 -39.98
C ALA B 252 14.88 50.44 -38.74
N LYS B 253 13.80 50.03 -38.09
CA LYS B 253 13.37 50.59 -36.79
C LYS B 253 14.51 51.16 -35.99
N ASP B 254 14.32 52.36 -35.44
CA ASP B 254 15.32 52.94 -34.53
C ASP B 254 15.44 51.98 -33.35
N TRP B 255 16.60 51.89 -32.72
CA TRP B 255 16.74 51.01 -31.56
C TRP B 255 15.80 51.54 -30.48
N GLU B 256 15.22 50.63 -29.71
CA GLU B 256 14.27 51.01 -28.66
C GLU B 256 14.63 50.38 -27.32
N GLU B 257 14.82 51.22 -26.28
CA GLU B 257 15.37 50.82 -24.97
C GLU B 257 14.48 51.29 -23.78
N GLN B 258 13.55 50.43 -23.36
CA GLN B 258 12.40 50.78 -22.48
C GLN B 258 12.46 50.22 -21.04
N THR B 259 12.83 51.04 -20.06
CA THR B 259 12.92 50.57 -18.66
C THR B 259 11.55 50.48 -17.94
N LEU B 260 11.14 49.25 -17.58
CA LEU B 260 9.90 48.97 -16.82
C LEU B 260 9.98 49.27 -15.30
N PRO B 261 8.83 49.59 -14.67
CA PRO B 261 8.86 50.01 -13.27
C PRO B 261 8.82 48.84 -12.29
N VAL B 262 9.37 49.04 -11.09
CA VAL B 262 9.23 48.06 -9.99
C VAL B 262 8.52 48.65 -8.78
N GLN B 263 8.18 47.80 -7.81
CA GLN B 263 7.62 48.33 -6.57
C GLN B 263 7.64 47.41 -5.41
N LEU B 264 7.47 48.00 -4.24
CA LEU B 264 7.49 47.28 -3.01
C LEU B 264 6.20 46.51 -2.82
N ILE B 265 6.28 45.24 -2.48
CA ILE B 265 5.10 44.48 -2.04
C ILE B 265 5.34 44.20 -0.58
N GLU B 266 4.58 44.85 0.29
CA GLU B 266 4.80 44.69 1.72
C GLU B 266 3.96 43.52 2.27
N ARG B 267 4.62 42.55 2.90
CA ARG B 267 3.92 41.41 3.51
C ARG B 267 4.33 41.43 4.99
N PHE B 268 4.88 40.33 5.56
CA PHE B 268 5.05 40.24 6.99
C PHE B 268 6.44 39.81 7.46
N SER B 269 7.43 39.96 6.59
CA SER B 269 8.77 39.55 6.91
C SER B 269 9.65 40.65 7.45
N THR B 270 9.12 41.84 7.61
CA THR B 270 9.85 42.91 8.30
C THR B 270 8.97 43.46 9.38
N ALA B 271 9.61 44.08 10.38
CA ALA B 271 8.92 44.81 11.43
C ALA B 271 9.82 45.94 11.94
N PRO B 272 9.20 46.95 12.56
CA PRO B 272 9.98 48.01 13.12
C PRO B 272 10.90 47.49 14.20
N LEU B 273 12.14 47.97 14.14
CA LEU B 273 13.16 47.57 15.09
C LEU B 273 12.85 48.23 16.42
N LYS B 274 12.87 47.45 17.49
CA LYS B 274 12.34 47.94 18.78
C LYS B 274 13.46 48.21 19.79
N SER C 7 -2.33 -39.70 -13.64
CA SER C 7 -3.40 -38.72 -13.18
C SER C 7 -3.29 -38.45 -11.68
N LYS C 8 -3.33 -39.53 -10.90
CA LYS C 8 -2.92 -39.52 -9.47
C LYS C 8 -3.73 -38.52 -8.66
N THR C 9 -5.04 -38.60 -8.84
CA THR C 9 -5.98 -37.70 -8.18
C THR C 9 -6.97 -38.51 -7.36
N ILE C 10 -7.15 -38.14 -6.09
CA ILE C 10 -8.18 -38.72 -5.24
C ILE C 10 -9.18 -37.67 -4.78
N GLY C 11 -10.46 -37.92 -5.04
CA GLY C 11 -11.51 -37.05 -4.54
C GLY C 11 -11.86 -37.41 -3.14
N VAL C 12 -11.91 -36.42 -2.24
CA VAL C 12 -12.32 -36.65 -0.87
C VAL C 12 -13.54 -35.83 -0.52
N ILE C 13 -14.64 -36.53 -0.20
CA ILE C 13 -15.88 -35.89 0.18
C ILE C 13 -16.13 -36.06 1.69
N VAL C 14 -16.15 -34.94 2.38
CA VAL C 14 -16.37 -34.92 3.86
C VAL C 14 -17.47 -33.94 4.19
N PRO C 15 -18.10 -34.14 5.35
CA PRO C 15 -19.17 -33.22 5.70
C PRO C 15 -18.73 -31.77 5.86
N ASP C 16 -17.55 -31.53 6.41
CA ASP C 16 -17.05 -30.17 6.51
C ASP C 16 -15.58 -30.31 6.78
N ILE C 17 -14.86 -29.20 6.85
CA ILE C 17 -13.46 -29.23 7.26
C ILE C 17 -13.23 -28.27 8.45
N THR C 18 -14.29 -27.64 8.91
CA THR C 18 -14.21 -26.75 10.05
C THR C 18 -14.23 -27.50 11.35
N ASN C 19 -14.71 -28.72 11.32
CA ASN C 19 -14.66 -29.56 12.53
C ASN C 19 -13.25 -30.12 12.56
N PRO C 20 -12.55 -29.85 13.64
CA PRO C 20 -11.20 -30.39 13.72
C PRO C 20 -11.12 -31.91 13.50
N PHE C 21 -12.16 -32.67 13.82
CA PHE C 21 -12.13 -34.09 13.45
C PHE C 21 -11.89 -34.31 11.94
N PHE C 22 -12.62 -33.63 11.09
CA PHE C 22 -12.46 -33.86 9.64
C PHE C 22 -11.15 -33.25 9.09
N ALA C 23 -10.70 -32.16 9.71
CA ALA C 23 -9.38 -31.60 9.32
C ALA C 23 -8.28 -32.63 9.56
N GLN C 24 -8.36 -33.34 10.69
CA GLN C 24 -7.35 -34.33 11.02
C GLN C 24 -7.48 -35.55 10.11
N LEU C 25 -8.71 -35.93 9.77
CA LEU C 25 -8.95 -37.01 8.78
C LEU C 25 -8.23 -36.70 7.44
N ILE C 26 -8.34 -35.45 6.99
CA ILE C 26 -7.71 -35.01 5.77
C ILE C 26 -6.21 -35.08 5.91
N ARG C 27 -5.69 -34.68 7.07
CA ARG C 27 -4.26 -34.78 7.29
C ARG C 27 -3.81 -36.21 7.14
N GLY C 28 -4.55 -37.14 7.73
CA GLY C 28 -4.21 -38.53 7.65
C GLY C 28 -4.22 -39.02 6.24
N ILE C 29 -5.26 -38.66 5.50
CA ILE C 29 -5.31 -38.97 4.07
C ILE C 29 -4.14 -38.36 3.31
N GLU C 30 -3.89 -37.08 3.54
CA GLU C 30 -2.80 -36.42 2.84
C GLU C 30 -1.45 -37.05 3.10
N SER C 31 -1.24 -37.57 4.33
CA SER C 31 0.05 -38.13 4.71
C SER C 31 0.37 -39.29 3.76
N VAL C 32 -0.63 -40.09 3.47
CA VAL C 32 -0.46 -41.20 2.53
C VAL C 32 -0.34 -40.73 1.05
N LEU C 33 -1.26 -39.89 0.62
CA LEU C 33 -1.22 -39.36 -0.72
C LEU C 33 0.10 -38.68 -1.04
N TYR C 34 0.62 -37.88 -0.11
CA TYR C 34 1.86 -37.17 -0.36
C TYR C 34 2.95 -38.17 -0.64
N LYS C 35 2.96 -39.28 0.09
CA LYS C 35 4.02 -40.29 -0.06
C LYS C 35 3.94 -41.03 -1.38
N GLU C 36 2.77 -40.97 -2.03
CA GLU C 36 2.62 -41.63 -3.28
C GLU C 36 2.44 -40.66 -4.44
N ASN C 37 2.60 -39.36 -4.18
CA ASN C 37 2.49 -38.30 -5.20
C ASN C 37 1.09 -38.15 -5.79
N PHE C 38 0.08 -38.46 -4.98
CA PHE C 38 -1.29 -38.21 -5.35
C PHE C 38 -1.65 -36.81 -4.90
N ILE C 39 -2.68 -36.29 -5.57
CA ILE C 39 -3.26 -35.01 -5.33
C ILE C 39 -4.65 -35.20 -4.76
N LEU C 40 -4.97 -34.36 -3.80
CA LEU C 40 -6.24 -34.39 -3.10
C LEU C 40 -7.20 -33.32 -3.61
N ILE C 41 -8.31 -33.79 -4.13
CA ILE C 41 -9.43 -32.95 -4.54
C ILE C 41 -10.41 -32.91 -3.38
N LEU C 42 -10.62 -31.72 -2.82
CA LEU C 42 -11.36 -31.55 -1.62
C LEU C 42 -12.78 -31.14 -1.92
N CYS C 43 -13.72 -31.87 -1.34
CA CYS C 43 -15.14 -31.56 -1.48
C CYS C 43 -15.80 -31.60 -0.14
N ASN C 44 -15.97 -30.44 0.49
CA ASN C 44 -16.69 -30.47 1.76
C ASN C 44 -18.09 -30.02 1.51
N ALA C 45 -19.00 -30.87 1.92
CA ALA C 45 -20.39 -30.79 1.50
C ALA C 45 -21.06 -29.58 2.10
N ASP C 46 -20.61 -29.16 3.28
CA ASP C 46 -21.23 -27.99 3.95
C ASP C 46 -21.22 -26.73 3.08
N GLN C 47 -20.21 -26.58 2.23
CA GLN C 47 -20.11 -25.37 1.37
C GLN C 47 -20.82 -25.48 0.02
N ASP C 48 -21.41 -26.63 -0.24
CA ASP C 48 -22.40 -26.74 -1.33
C ASP C 48 -23.71 -26.36 -0.72
N VAL C 49 -24.07 -25.10 -0.89
CA VAL C 49 -25.28 -24.58 -0.27
C VAL C 49 -26.55 -24.77 -1.09
N THR C 50 -26.45 -25.50 -2.19
CA THR C 50 -27.62 -25.72 -3.02
C THR C 50 -28.51 -26.73 -2.30
N ARG C 51 -29.82 -26.63 -2.53
CA ARG C 51 -30.79 -27.57 -1.90
C ARG C 51 -30.59 -29.03 -2.19
N GLU C 52 -30.22 -29.32 -3.43
CA GLU C 52 -30.08 -30.69 -3.85
C GLU C 52 -28.62 -31.05 -4.18
N HIS C 53 -27.68 -30.34 -3.57
CA HIS C 53 -26.24 -30.74 -3.62
C HIS C 53 -25.74 -30.81 -5.02
N GLU C 54 -26.00 -29.73 -5.78
CA GLU C 54 -25.59 -29.70 -7.19
C GLU C 54 -24.09 -29.89 -7.39
N TYR C 55 -23.31 -29.33 -6.50
CA TYR C 55 -21.86 -29.46 -6.65
C TYR C 55 -21.38 -30.89 -6.45
N LEU C 56 -21.92 -31.54 -5.43
CA LEU C 56 -21.53 -32.92 -5.18
C LEU C 56 -21.93 -33.81 -6.34
N THR C 57 -23.09 -33.54 -6.93
CA THR C 57 -23.52 -34.36 -8.05
C THR C 57 -22.62 -34.17 -9.27
N GLU C 58 -22.02 -32.99 -9.45
CA GLU C 58 -21.04 -32.80 -10.53
C GLU C 58 -19.67 -33.38 -10.17
N LEU C 59 -19.31 -33.25 -8.90
CA LEU C 59 -17.98 -33.64 -8.48
C LEU C 59 -17.84 -35.15 -8.56
N ILE C 60 -18.89 -35.90 -8.16
CA ILE C 60 -18.81 -37.36 -8.16
C ILE C 60 -18.70 -37.93 -9.58
N ARG C 61 -19.00 -37.13 -10.60
CA ARG C 61 -18.92 -37.55 -12.02
C ARG C 61 -17.58 -37.25 -12.64
N ARG C 62 -16.67 -36.66 -11.90
CA ARG C 62 -15.36 -36.38 -12.50
CA ARG C 62 -15.33 -36.36 -12.44
C ARG C 62 -14.48 -37.62 -12.56
N SER C 63 -13.59 -37.63 -13.56
CA SER C 63 -12.70 -38.77 -13.80
C SER C 63 -11.42 -38.67 -12.94
N VAL C 64 -11.48 -39.18 -11.71
CA VAL C 64 -10.34 -39.22 -10.80
C VAL C 64 -9.96 -40.68 -10.63
N ASP C 65 -8.85 -40.95 -9.94
CA ASP C 65 -8.36 -42.29 -9.78
C ASP C 65 -9.10 -43.01 -8.68
N GLY C 66 -9.77 -42.27 -7.81
CA GLY C 66 -10.52 -42.87 -6.69
C GLY C 66 -11.22 -41.83 -5.85
N PHE C 67 -12.21 -42.27 -5.09
CA PHE C 67 -12.93 -41.46 -4.15
C PHE C 67 -12.91 -42.02 -2.74
N VAL C 68 -12.75 -41.10 -1.79
CA VAL C 68 -13.01 -41.35 -0.39
C VAL C 68 -14.32 -40.66 -0.04
N ILE C 69 -15.28 -41.40 0.46
CA ILE C 69 -16.65 -40.86 0.72
C ILE C 69 -16.96 -41.01 2.19
N ALA C 70 -16.95 -39.86 2.87
CA ALA C 70 -17.26 -39.79 4.28
C ALA C 70 -18.57 -39.09 4.58
N SER C 71 -19.33 -38.79 3.53
CA SER C 71 -20.63 -38.10 3.66
C SER C 71 -21.81 -38.98 3.21
N SER C 72 -22.91 -38.88 3.93
CA SER C 72 -24.11 -39.60 3.56
C SER C 72 -24.82 -38.90 2.39
N GLU C 73 -24.38 -37.71 2.00
CA GLU C 73 -25.04 -36.96 0.91
C GLU C 73 -24.79 -37.53 -0.50
N ILE C 74 -23.84 -38.45 -0.63
CA ILE C 74 -23.69 -39.23 -1.84
C ILE C 74 -24.49 -40.53 -1.66
N SER C 75 -25.59 -40.67 -2.39
CA SER C 75 -26.38 -41.90 -2.30
C SER C 75 -25.76 -43.11 -3.00
N ASN C 76 -26.16 -44.29 -2.54
CA ASN C 76 -25.73 -45.54 -3.15
C ASN C 76 -26.08 -45.60 -4.64
N GLN C 77 -27.27 -45.10 -4.97
CA GLN C 77 -27.72 -45.07 -6.36
CA GLN C 77 -27.75 -45.03 -6.36
C GLN C 77 -26.73 -44.29 -7.22
N THR C 78 -26.40 -43.08 -6.79
CA THR C 78 -25.37 -42.24 -7.44
C THR C 78 -24.05 -43.00 -7.62
N ILE C 79 -23.62 -43.67 -6.56
CA ILE C 79 -22.38 -44.43 -6.62
C ILE C 79 -22.45 -45.51 -7.68
N ASN C 80 -23.58 -46.21 -7.74
CA ASN C 80 -23.73 -47.33 -8.65
C ASN C 80 -23.67 -46.85 -10.08
N GLU C 81 -24.45 -45.84 -10.37
CA GLU C 81 -24.56 -45.35 -11.75
C GLU C 81 -23.35 -44.56 -12.22
N THR C 82 -22.57 -44.03 -11.29
CA THR C 82 -21.35 -43.29 -11.65
C THR C 82 -20.11 -44.14 -11.44
N LEU C 83 -19.67 -44.30 -10.20
CA LEU C 83 -18.36 -44.93 -9.94
C LEU C 83 -18.26 -46.39 -10.38
N ARG C 84 -19.23 -47.20 -9.97
CA ARG C 84 -19.14 -48.64 -10.28
C ARG C 84 -19.15 -48.84 -11.80
N ALA C 85 -20.17 -48.27 -12.43
CA ALA C 85 -20.30 -48.24 -13.87
C ALA C 85 -19.03 -47.83 -14.60
N LYS C 86 -18.26 -46.92 -14.00
CA LYS C 86 -17.03 -46.44 -14.63
C LYS C 86 -15.76 -47.12 -14.13
N LYS C 87 -15.90 -48.07 -13.20
CA LYS C 87 -14.79 -48.80 -12.60
C LYS C 87 -13.86 -47.89 -11.80
N ILE C 88 -14.43 -46.84 -11.19
CA ILE C 88 -13.64 -45.93 -10.37
C ILE C 88 -13.76 -46.42 -8.93
N PRO C 89 -12.62 -46.77 -8.32
CA PRO C 89 -12.72 -47.33 -6.98
C PRO C 89 -13.08 -46.27 -5.98
N PHE C 90 -13.69 -46.71 -4.90
CA PHE C 90 -14.04 -45.82 -3.81
C PHE C 90 -13.97 -46.56 -2.47
N ILE C 91 -13.98 -45.78 -1.40
CA ILE C 91 -14.02 -46.34 -0.05
C ILE C 91 -14.89 -45.44 0.79
N VAL C 92 -15.64 -46.06 1.70
CA VAL C 92 -16.54 -45.32 2.56
C VAL C 92 -16.13 -45.37 4.01
N LEU C 93 -16.58 -44.37 4.76
CA LEU C 93 -16.33 -44.31 6.17
C LEU C 93 -17.23 -43.28 6.79
N ASP C 94 -17.19 -43.28 8.12
CA ASP C 94 -17.77 -42.26 8.94
C ASP C 94 -19.26 -42.11 8.69
N GLN C 95 -19.73 -40.96 8.20
CA GLN C 95 -21.16 -40.73 8.04
C GLN C 95 -21.71 -41.47 6.84
N LYS C 96 -20.86 -41.94 5.93
CA LYS C 96 -21.32 -42.79 4.85
C LYS C 96 -21.37 -44.27 5.27
N LYS C 97 -22.58 -44.82 5.32
CA LYS C 97 -22.83 -46.23 5.67
C LYS C 97 -22.34 -47.17 4.58
N ALA C 98 -21.56 -48.17 5.00
CA ALA C 98 -21.09 -49.23 4.12
C ALA C 98 -22.23 -50.23 3.90
N GLU C 99 -22.64 -50.31 2.64
CA GLU C 99 -23.63 -51.24 2.13
C GLU C 99 -23.15 -52.73 2.09
N GLY C 100 -21.83 -52.95 2.16
CA GLY C 100 -21.27 -54.31 2.11
C GLY C 100 -20.62 -54.65 0.78
N PHE C 101 -20.83 -53.80 -0.22
CA PHE C 101 -20.28 -54.06 -1.55
C PHE C 101 -19.25 -53.00 -1.86
N SER C 102 -18.41 -52.69 -0.87
CA SER C 102 -17.32 -51.75 -1.04
C SER C 102 -16.37 -51.92 0.13
N ASP C 103 -15.19 -51.34 0.01
CA ASP C 103 -14.28 -51.27 1.10
C ASP C 103 -14.83 -50.23 2.06
N ALA C 104 -14.42 -50.35 3.31
CA ALA C 104 -14.93 -49.47 4.39
C ALA C 104 -13.91 -49.46 5.53
N VAL C 105 -13.82 -48.32 6.22
CA VAL C 105 -13.04 -48.26 7.43
C VAL C 105 -13.93 -47.62 8.48
N LEU C 106 -14.22 -48.38 9.53
CA LEU C 106 -15.09 -47.95 10.60
C LEU C 106 -14.30 -47.70 11.90
N THR C 107 -14.87 -46.97 12.84
CA THR C 107 -14.32 -47.00 14.20
C THR C 107 -15.46 -47.54 15.07
N ASP C 108 -15.15 -47.89 16.30
CA ASP C 108 -16.07 -48.67 17.11
C ASP C 108 -17.01 -47.77 17.86
N ASP C 109 -17.96 -47.22 17.10
CA ASP C 109 -18.98 -46.33 17.64
C ASP C 109 -19.79 -46.93 18.80
N TYR C 110 -20.22 -48.17 18.62
CA TYR C 110 -20.97 -48.87 19.68
C TYR C 110 -20.20 -48.93 20.97
N ARG C 111 -18.97 -49.44 20.93
CA ARG C 111 -18.15 -49.51 22.11
C ARG C 111 -17.87 -48.13 22.66
N GLY C 112 -17.63 -47.12 21.81
CA GLY C 112 -17.43 -45.77 22.36
C GLY C 112 -18.63 -45.26 23.19
N GLY C 113 -19.84 -45.40 22.67
CA GLY C 113 -20.99 -44.97 23.41
C GLY C 113 -21.11 -45.73 24.71
N GLN C 114 -20.70 -46.99 24.70
CA GLN C 114 -20.75 -47.84 25.88
C GLN C 114 -19.75 -47.38 26.90
N LEU C 115 -18.54 -47.08 26.45
CA LEU C 115 -17.52 -46.56 27.32
C LEU C 115 -17.94 -45.22 27.97
N ALA C 116 -18.66 -44.37 27.23
CA ALA C 116 -19.09 -43.08 27.75
C ALA C 116 -20.15 -43.30 28.86
N ALA C 117 -21.10 -44.17 28.57
CA ALA C 117 -22.13 -44.50 29.54
C ALA C 117 -21.52 -45.14 30.78
N LYS C 118 -20.59 -46.06 30.59
CA LYS C 118 -19.95 -46.75 31.73
C LYS C 118 -19.23 -45.76 32.63
N HIS C 119 -18.69 -44.67 32.07
CA HIS C 119 -17.95 -43.73 32.87
C HIS C 119 -18.92 -42.91 33.72
N LEU C 120 -20.03 -42.50 33.11
CA LEU C 120 -21.05 -41.75 33.83
C LEU C 120 -21.61 -42.63 34.92
N GLN C 121 -21.84 -43.89 34.58
CA GLN C 121 -22.39 -44.86 35.53
C GLN C 121 -21.45 -45.12 36.71
N GLU C 122 -20.15 -45.24 36.44
CA GLU C 122 -19.14 -45.31 37.49
C GLU C 122 -19.15 -44.08 38.38
N GLN C 123 -19.39 -42.92 37.80
CA GLN C 123 -19.53 -41.69 38.58
C GLN C 123 -20.93 -41.58 39.23
N ARG C 124 -21.74 -42.62 39.14
CA ARG C 124 -23.03 -42.70 39.86
C ARG C 124 -24.16 -41.81 39.32
N HIS C 125 -24.04 -41.29 38.09
CA HIS C 125 -25.17 -40.60 37.48
C HIS C 125 -26.27 -41.56 37.09
N GLU C 126 -27.50 -41.20 37.45
CA GLU C 126 -28.67 -42.03 37.17
C GLU C 126 -29.56 -41.45 36.11
N GLN C 127 -29.74 -40.13 36.12
CA GLN C 127 -30.53 -39.45 35.11
C GLN C 127 -29.60 -38.74 34.14
N VAL C 128 -29.60 -39.21 32.90
CA VAL C 128 -28.63 -38.72 31.92
C VAL C 128 -29.32 -38.23 30.65
N ILE C 129 -28.61 -37.42 29.89
CA ILE C 129 -29.10 -36.85 28.67
C ILE C 129 -28.09 -37.15 27.57
N VAL C 130 -28.60 -37.51 26.39
CA VAL C 130 -27.79 -37.56 25.15
C VAL C 130 -28.15 -36.42 24.22
N VAL C 131 -27.13 -35.69 23.76
CA VAL C 131 -27.34 -34.56 22.86
C VAL C 131 -26.79 -34.95 21.52
N MET C 132 -27.68 -35.01 20.54
CA MET C 132 -27.33 -35.54 19.23
C MET C 132 -28.16 -34.92 18.12
N PRO C 133 -27.68 -35.07 16.87
CA PRO C 133 -28.48 -34.53 15.75
C PRO C 133 -29.68 -35.41 15.43
N PRO C 134 -30.78 -34.81 14.93
CA PRO C 134 -31.90 -35.59 14.41
C PRO C 134 -31.49 -36.34 13.12
N HIS C 135 -32.18 -37.45 12.83
CA HIS C 135 -31.93 -38.25 11.61
C HIS C 135 -30.46 -38.56 11.54
N ALA C 136 -29.87 -39.01 12.65
CA ALA C 136 -28.39 -39.04 12.69
C ALA C 136 -27.84 -40.01 11.67
N PRO C 137 -26.59 -39.78 11.21
CA PRO C 137 -25.93 -40.79 10.40
C PRO C 137 -25.73 -42.07 11.19
N VAL C 138 -25.62 -43.19 10.49
CA VAL C 138 -25.66 -44.51 11.11
C VAL C 138 -24.54 -44.67 12.16
N ASN C 139 -23.36 -44.14 11.87
CA ASN C 139 -22.25 -44.28 12.81
C ASN C 139 -22.56 -43.57 14.13
N ILE C 140 -23.19 -42.42 14.04
CA ILE C 140 -23.50 -41.63 15.22
C ILE C 140 -24.63 -42.33 15.97
N GLN C 141 -25.57 -42.92 15.24
CA GLN C 141 -26.67 -43.71 15.86
C GLN C 141 -26.12 -44.89 16.67
N GLN C 142 -25.06 -45.53 16.18
CA GLN C 142 -24.40 -46.60 16.93
C GLN C 142 -23.84 -46.17 18.32
N ARG C 143 -23.37 -44.94 18.45
CA ARG C 143 -22.96 -44.41 19.76
C ARG C 143 -24.12 -44.35 20.72
N LEU C 144 -25.25 -43.86 20.24
CA LEU C 144 -26.47 -43.90 21.06
C LEU C 144 -26.83 -45.34 21.48
N LYS C 145 -26.75 -46.30 20.53
CA LYS C 145 -27.07 -47.71 20.84
C LYS C 145 -26.14 -48.25 21.92
N GLY C 146 -24.85 -47.99 21.73
CA GLY C 146 -23.86 -48.24 22.79
C GLY C 146 -24.20 -47.64 24.13
N PHE C 147 -24.58 -46.36 24.13
CA PHE C 147 -24.87 -45.66 25.35
C PHE C 147 -26.08 -46.30 26.09
N CYS C 148 -27.09 -46.64 25.30
CA CYS C 148 -28.33 -47.23 25.78
C CYS C 148 -28.26 -48.70 26.15
N SER C 149 -27.20 -49.38 25.70
CA SER C 149 -26.88 -50.73 26.17
C SER C 149 -26.48 -50.74 27.66
N VAL C 150 -26.20 -49.56 28.22
CA VAL C 150 -25.76 -49.40 29.59
C VAL C 150 -26.85 -48.71 30.43
N TYR C 151 -27.34 -47.58 29.93
CA TYR C 151 -28.48 -46.86 30.51
C TYR C 151 -29.73 -47.35 29.83
N THR C 152 -30.40 -48.29 30.49
CA THR C 152 -31.59 -48.89 29.92
C THR C 152 -32.84 -48.03 30.11
N GLU C 153 -32.93 -47.32 31.23
CA GLU C 153 -34.15 -46.57 31.57
C GLU C 153 -34.14 -45.05 31.34
N LYS C 154 -33.50 -44.30 32.24
CA LYS C 154 -33.74 -42.84 32.42
C LYS C 154 -32.80 -41.94 31.60
N VAL C 155 -32.91 -42.12 30.29
CA VAL C 155 -32.14 -41.37 29.30
C VAL C 155 -33.08 -40.48 28.53
N GLN C 156 -32.76 -39.20 28.48
CA GLN C 156 -33.50 -38.27 27.66
C GLN C 156 -32.64 -37.89 26.48
N LEU C 157 -33.25 -37.89 25.32
CA LEU C 157 -32.57 -37.44 24.10
C LEU C 157 -32.92 -36.02 23.81
N ILE C 158 -31.92 -35.19 23.52
CA ILE C 158 -32.19 -33.82 23.03
C ILE C 158 -31.58 -33.70 21.64
N GLU C 159 -32.41 -33.34 20.65
CA GLU C 159 -31.90 -33.26 19.29
C GLU C 159 -31.51 -31.83 18.92
N THR C 160 -30.38 -31.68 18.23
CA THR C 160 -29.90 -30.36 17.94
C THR C 160 -28.86 -30.50 16.83
N GLU C 161 -28.43 -29.38 16.29
CA GLU C 161 -27.45 -29.40 15.23
C GLU C 161 -26.11 -30.00 15.73
N LEU C 162 -25.45 -30.72 14.84
CA LEU C 162 -24.16 -31.34 15.16
C LEU C 162 -23.06 -30.27 15.01
N SER C 163 -22.95 -29.39 16.00
CA SER C 163 -22.07 -28.24 15.93
C SER C 163 -21.99 -27.60 17.30
N LYS C 164 -21.10 -26.63 17.43
CA LYS C 164 -20.98 -25.86 18.65
C LYS C 164 -22.27 -25.11 18.87
N THR C 165 -22.81 -24.51 17.80
CA THR C 165 -24.07 -23.78 17.94
C THR C 165 -25.19 -24.69 18.44
N GLY C 166 -25.26 -25.89 17.87
CA GLY C 166 -26.25 -26.86 18.29
C GLY C 166 -26.15 -27.19 19.76
N GLY C 167 -24.94 -27.41 20.24
CA GLY C 167 -24.70 -27.58 21.65
C GLY C 167 -25.19 -26.44 22.51
N TYR C 168 -24.84 -25.24 22.10
CA TYR C 168 -25.28 -24.05 22.80
C TYR C 168 -26.81 -23.98 22.90
N GLN C 169 -27.48 -24.27 21.81
CA GLN C 169 -28.95 -24.15 21.71
C GLN C 169 -29.69 -25.28 22.41
N ALA C 170 -28.98 -26.32 22.82
CA ALA C 170 -29.58 -27.42 23.60
C ALA C 170 -29.74 -27.13 25.09
N VAL C 171 -29.03 -26.13 25.56
CA VAL C 171 -28.92 -25.90 26.95
C VAL C 171 -30.26 -25.47 27.57
N PRO C 172 -31.04 -24.63 26.89
CA PRO C 172 -32.33 -24.33 27.52
C PRO C 172 -33.13 -25.58 27.91
N GLU C 173 -33.19 -26.59 27.03
CA GLU C 173 -33.97 -27.81 27.30
C GLU C 173 -33.36 -28.62 28.44
N ILE C 174 -32.03 -28.71 28.47
CA ILE C 174 -31.35 -29.46 29.53
C ILE C 174 -31.71 -28.91 30.93
N LEU C 175 -31.68 -27.60 31.04
CA LEU C 175 -31.95 -26.90 32.29
C LEU C 175 -33.36 -27.18 32.84
N LYS C 176 -34.27 -27.63 31.98
CA LYS C 176 -35.63 -28.07 32.34
C LYS C 176 -35.71 -29.46 32.97
N THR C 177 -34.70 -30.31 32.75
CA THR C 177 -34.71 -31.70 33.25
C THR C 177 -34.05 -31.82 34.61
N GLU C 178 -34.08 -33.01 35.20
CA GLU C 178 -33.35 -33.27 36.46
C GLU C 178 -32.08 -34.08 36.19
N SER C 179 -31.60 -34.04 34.95
CA SER C 179 -30.42 -34.82 34.57
C SER C 179 -29.13 -34.24 35.18
N THR C 180 -28.18 -35.11 35.48
CA THR C 180 -26.93 -34.70 36.08
C THR C 180 -25.71 -35.00 35.20
N GLY C 181 -25.87 -35.86 34.21
CA GLY C 181 -24.76 -36.23 33.33
C GLY C 181 -25.20 -36.11 31.88
N ILE C 182 -24.31 -35.61 31.03
CA ILE C 182 -24.67 -35.38 29.65
C ILE C 182 -23.65 -36.11 28.76
N PHE C 183 -24.12 -36.83 27.77
CA PHE C 183 -23.26 -37.36 26.70
C PHE C 183 -23.47 -36.51 25.45
N ALA C 184 -22.45 -35.74 25.07
CA ALA C 184 -22.40 -34.97 23.82
C ALA C 184 -21.82 -35.88 22.74
N ILE C 185 -22.56 -36.03 21.63
CA ILE C 185 -22.24 -37.07 20.66
C ILE C 185 -21.01 -36.70 19.83
N ASN C 186 -20.55 -35.45 19.92
CA ASN C 186 -19.21 -35.08 19.50
C ASN C 186 -18.67 -33.93 20.35
N ASP C 187 -17.37 -33.68 20.22
CA ASP C 187 -16.74 -32.67 21.04
C ASP C 187 -17.28 -31.28 20.74
N GLU C 188 -17.62 -31.02 19.47
CA GLU C 188 -18.10 -29.69 19.10
C GLU C 188 -19.43 -29.42 19.83
N ILE C 189 -20.32 -30.43 19.89
CA ILE C 189 -21.54 -30.27 20.71
C ILE C 189 -21.15 -29.97 22.14
N ALA C 190 -20.18 -30.73 22.67
CA ALA C 190 -19.71 -30.52 24.04
C ALA C 190 -19.26 -29.06 24.29
N PHE C 191 -18.51 -28.48 23.35
CA PHE C 191 -18.04 -27.12 23.54
C PHE C 191 -19.21 -26.15 23.58
N GLY C 192 -20.24 -26.40 22.75
CA GLY C 192 -21.46 -25.61 22.81
C GLY C 192 -22.14 -25.70 24.15
N LEU C 193 -22.27 -26.94 24.69
CA LEU C 193 -22.81 -27.12 26.06
C LEU C 193 -22.03 -26.32 27.09
N TYR C 194 -20.70 -26.39 27.03
CA TYR C 194 -19.87 -25.59 27.93
C TYR C 194 -20.29 -24.10 27.88
N ARG C 195 -20.34 -23.52 26.68
CA ARG C 195 -20.65 -22.09 26.58
C ARG C 195 -22.04 -21.77 27.09
N GLY C 196 -22.99 -22.63 26.78
CA GLY C 196 -24.38 -22.46 27.23
C GLY C 196 -24.54 -22.56 28.74
N LEU C 197 -23.85 -23.51 29.34
CA LEU C 197 -24.01 -23.77 30.75
C LEU C 197 -23.29 -22.69 31.53
N ALA C 198 -22.18 -22.20 30.99
CA ALA C 198 -21.48 -21.09 31.63
C ALA C 198 -22.38 -19.85 31.63
N GLU C 199 -23.01 -19.55 30.49
CA GLU C 199 -23.97 -18.41 30.44
C GLU C 199 -25.17 -18.61 31.37
N ALA C 200 -25.58 -19.86 31.58
CA ALA C 200 -26.66 -20.19 32.52
C ALA C 200 -26.28 -20.27 34.02
N GLY C 201 -25.01 -20.06 34.31
CA GLY C 201 -24.50 -19.99 35.67
C GLY C 201 -24.17 -21.32 36.28
N LYS C 202 -24.08 -22.35 35.43
CA LYS C 202 -23.88 -23.70 35.87
C LYS C 202 -22.39 -24.02 35.78
N LYS C 203 -21.95 -24.86 36.70
CA LYS C 203 -20.57 -25.28 36.79
C LYS C 203 -20.37 -26.69 36.27
N ILE C 204 -19.24 -26.90 35.63
CA ILE C 204 -18.84 -28.21 35.17
C ILE C 204 -17.55 -28.59 35.89
N PRO C 205 -17.51 -29.72 36.58
CA PRO C 205 -18.56 -30.71 36.70
C PRO C 205 -19.49 -30.60 37.93
N GLU C 206 -19.39 -29.54 38.71
CA GLU C 206 -20.11 -29.49 39.98
C GLU C 206 -21.61 -29.66 39.77
N ASP C 207 -22.16 -28.98 38.76
CA ASP C 207 -23.56 -29.11 38.39
C ASP C 207 -23.88 -30.14 37.29
N TYR C 208 -23.10 -30.17 36.20
CA TYR C 208 -23.28 -31.18 35.17
C TYR C 208 -21.96 -31.84 34.86
N SER C 209 -21.98 -33.18 34.79
CA SER C 209 -20.86 -33.93 34.25
C SER C 209 -21.11 -34.09 32.74
N ILE C 210 -20.04 -33.91 31.95
CA ILE C 210 -20.13 -33.96 30.51
C ILE C 210 -19.03 -34.85 29.98
N ILE C 211 -19.41 -35.69 29.06
CA ILE C 211 -18.46 -36.47 28.28
C ILE C 211 -18.75 -36.24 26.81
N GLY C 212 -17.69 -35.98 26.04
CA GLY C 212 -17.82 -35.80 24.62
C GLY C 212 -17.48 -37.00 23.73
N TYR C 213 -17.13 -36.71 22.48
CA TYR C 213 -16.68 -37.74 21.58
C TYR C 213 -15.82 -37.14 20.46
N ASP C 214 -14.64 -37.74 20.33
CA ASP C 214 -13.65 -37.58 19.25
C ASP C 214 -12.24 -37.45 19.82
N ASN C 215 -12.11 -36.67 20.89
CA ASN C 215 -10.79 -36.24 21.43
C ASN C 215 -10.05 -35.32 20.46
N VAL C 216 -10.75 -34.32 19.94
CA VAL C 216 -10.15 -33.24 19.14
C VAL C 216 -9.16 -32.46 20.01
N ASP C 217 -8.24 -31.76 19.36
CA ASP C 217 -7.14 -31.10 20.08
C ASP C 217 -7.61 -30.05 21.09
N MET C 218 -8.76 -29.41 20.88
CA MET C 218 -9.24 -28.41 21.82
C MET C 218 -9.73 -28.97 23.17
N CYS C 219 -9.96 -30.29 23.28
CA CYS C 219 -10.37 -30.85 24.57
C CYS C 219 -9.49 -30.38 25.75
N GLU C 220 -8.18 -30.22 25.52
CA GLU C 220 -7.22 -29.86 26.54
C GLU C 220 -7.19 -28.38 26.87
N TYR C 221 -7.95 -27.59 26.14
CA TYR C 221 -7.84 -26.14 26.18
C TYR C 221 -9.12 -25.47 26.64
N VAL C 222 -10.18 -26.25 26.81
CA VAL C 222 -11.42 -25.71 27.39
C VAL C 222 -11.36 -25.91 28.88
N SER C 223 -12.29 -25.29 29.62
CA SER C 223 -12.23 -25.28 31.07
C SER C 223 -13.53 -25.78 31.63
N PRO C 224 -13.51 -26.91 32.32
CA PRO C 224 -12.40 -27.82 32.49
C PRO C 224 -12.05 -28.66 31.23
N PRO C 225 -10.81 -29.13 31.15
CA PRO C 225 -10.46 -30.08 30.09
C PRO C 225 -11.47 -31.22 29.93
N LEU C 226 -11.83 -31.53 28.68
CA LEU C 226 -12.96 -32.39 28.40
C LEU C 226 -12.67 -33.89 28.38
N THR C 227 -13.43 -34.64 29.16
CA THR C 227 -13.42 -36.09 29.13
C THR C 227 -14.19 -36.48 27.90
N THR C 228 -13.66 -37.45 27.16
CA THR C 228 -14.15 -37.79 25.86
C THR C 228 -13.75 -39.21 25.43
N ILE C 229 -14.32 -39.67 24.33
CA ILE C 229 -13.94 -40.91 23.70
C ILE C 229 -13.02 -40.58 22.52
N ALA C 230 -11.80 -41.13 22.53
CA ALA C 230 -10.84 -40.81 21.43
C ALA C 230 -11.09 -41.72 20.24
N GLN C 231 -11.28 -41.10 19.07
CA GLN C 231 -11.20 -41.82 17.80
C GLN C 231 -9.82 -41.59 17.22
N PRO C 232 -9.25 -42.61 16.59
CA PRO C 232 -7.91 -42.51 16.00
C PRO C 232 -8.02 -41.98 14.55
N VAL C 233 -8.36 -40.70 14.47
CA VAL C 233 -8.82 -40.10 13.24
C VAL C 233 -7.68 -39.95 12.21
N PHE C 234 -6.49 -39.65 12.68
CA PHE C 234 -5.35 -39.55 11.74
C PHE C 234 -5.09 -40.93 11.15
N GLN C 235 -5.08 -41.97 11.98
CA GLN C 235 -4.91 -43.33 11.51
C GLN C 235 -6.06 -43.77 10.59
N LEU C 236 -7.26 -43.33 10.90
CA LEU C 236 -8.42 -43.61 10.10
C LEU C 236 -8.21 -43.03 8.68
N GLY C 237 -7.72 -41.81 8.61
CA GLY C 237 -7.39 -41.21 7.30
C GLY C 237 -6.29 -41.96 6.55
N GLN C 238 -5.22 -42.29 7.25
CA GLN C 238 -4.13 -43.08 6.66
C GLN C 238 -4.62 -44.41 6.15
N THR C 239 -5.35 -45.12 6.99
CA THR C 239 -5.85 -46.43 6.64
C THR C 239 -6.76 -46.39 5.41
N THR C 240 -7.65 -45.42 5.39
CA THR C 240 -8.60 -45.26 4.34
C THR C 240 -7.90 -45.02 3.03
N ALA C 241 -6.93 -44.11 3.05
CA ALA C 241 -6.18 -43.83 1.81
C ALA C 241 -5.34 -45.03 1.34
N THR C 242 -4.76 -45.74 2.29
CA THR C 242 -3.99 -46.92 2.00
C THR C 242 -4.80 -48.03 1.36
N LEU C 243 -5.99 -48.28 1.87
CA LEU C 243 -6.88 -49.27 1.28
C LEU C 243 -7.36 -48.90 -0.09
N LEU C 244 -7.60 -47.61 -0.30
CA LEU C 244 -8.01 -47.16 -1.64
C LEU C 244 -6.90 -47.37 -2.67
N LEU C 245 -5.69 -47.00 -2.31
CA LEU C 245 -4.56 -47.18 -3.19
C LEU C 245 -4.29 -48.66 -3.45
N GLU C 246 -4.60 -49.53 -2.47
CA GLU C 246 -4.52 -50.98 -2.75
C GLU C 246 -5.53 -51.44 -3.79
N ARG C 247 -6.75 -50.90 -3.75
CA ARG C 247 -7.76 -51.30 -4.70
C ARG C 247 -7.39 -50.79 -6.09
N ILE C 248 -6.81 -49.61 -6.17
CA ILE C 248 -6.26 -49.14 -7.46
C ILE C 248 -5.26 -50.14 -8.01
N HIS C 249 -4.41 -50.71 -7.15
CA HIS C 249 -3.45 -51.72 -7.61
C HIS C 249 -4.13 -53.04 -7.98
N GLN C 250 -5.15 -53.42 -7.21
CA GLN C 250 -5.82 -54.69 -7.34
C GLN C 250 -7.33 -54.51 -7.37
N PRO C 251 -7.85 -54.07 -8.52
CA PRO C 251 -9.26 -53.61 -8.59
C PRO C 251 -10.32 -54.68 -8.31
N ALA C 252 -9.99 -55.94 -8.52
CA ALA C 252 -10.94 -57.02 -8.24
C ALA C 252 -10.78 -57.76 -6.91
N LYS C 253 -9.93 -57.28 -5.99
CA LYS C 253 -9.74 -57.97 -4.71
C LYS C 253 -11.03 -57.96 -3.86
N ASP C 254 -11.14 -58.94 -2.96
CA ASP C 254 -12.26 -59.04 -2.04
C ASP C 254 -12.46 -57.66 -1.33
N TRP C 255 -13.72 -57.31 -1.10
CA TRP C 255 -14.03 -56.12 -0.30
C TRP C 255 -13.45 -56.26 1.11
N GLU C 256 -12.88 -55.18 1.67
CA GLU C 256 -12.30 -55.24 3.00
C GLU C 256 -12.95 -54.21 3.89
N GLU C 257 -13.37 -54.60 5.07
CA GLU C 257 -13.79 -53.64 6.12
C GLU C 257 -12.87 -53.79 7.31
N GLN C 258 -12.31 -52.67 7.76
CA GLN C 258 -11.47 -52.64 8.90
C GLN C 258 -12.18 -51.79 9.91
N THR C 259 -12.04 -52.15 11.18
CA THR C 259 -12.52 -51.36 12.31
C THR C 259 -11.38 -50.98 13.23
N LEU C 260 -11.30 -49.71 13.58
CA LEU C 260 -10.29 -49.24 14.49
C LEU C 260 -10.93 -49.04 15.87
N PRO C 261 -10.14 -49.27 16.92
CA PRO C 261 -10.65 -49.20 18.29
C PRO C 261 -10.74 -47.78 18.78
N VAL C 262 -11.51 -47.58 19.84
CA VAL C 262 -11.63 -46.29 20.51
C VAL C 262 -11.26 -46.45 21.99
N GLN C 263 -11.04 -45.36 22.71
CA GLN C 263 -10.76 -45.43 24.14
C GLN C 263 -11.25 -44.19 24.88
N LEU C 264 -11.54 -44.34 26.16
CA LEU C 264 -11.93 -43.22 27.00
C LEU C 264 -10.71 -42.47 27.41
N ILE C 265 -10.78 -41.15 27.29
CA ILE C 265 -9.74 -40.25 27.73
C ILE C 265 -10.35 -39.46 28.87
N GLU C 266 -9.84 -39.73 30.08
CA GLU C 266 -10.41 -39.16 31.31
C GLU C 266 -9.69 -37.88 31.65
N ARG C 267 -10.44 -36.79 31.70
CA ARG C 267 -9.89 -35.49 32.06
C ARG C 267 -10.68 -34.96 33.29
N PHE C 268 -11.36 -33.81 33.22
CA PHE C 268 -11.89 -33.14 34.42
C PHE C 268 -13.30 -32.65 34.30
N SER C 269 -14.05 -33.19 33.33
CA SER C 269 -15.37 -32.64 33.06
C SER C 269 -16.47 -33.53 33.68
N THR C 270 -16.10 -34.60 34.35
CA THR C 270 -17.07 -35.43 35.11
C THR C 270 -16.64 -35.49 36.56
N ALA C 271 -17.59 -35.78 37.42
CA ALA C 271 -17.31 -35.96 38.84
C ALA C 271 -18.38 -36.90 39.41
N PRO C 272 -18.03 -37.69 40.45
CA PRO C 272 -19.01 -38.57 41.12
C PRO C 272 -20.20 -37.78 41.62
N LEU C 273 -21.39 -38.33 41.49
CA LEU C 273 -22.58 -37.66 41.98
C LEU C 273 -22.59 -37.79 43.50
N LYS C 274 -22.69 -36.64 44.16
CA LYS C 274 -22.77 -36.57 45.61
C LYS C 274 -24.22 -36.77 46.06
N LYS D 6 -12.49 -31.85 -19.26
CA LYS D 6 -12.09 -30.41 -19.24
C LYS D 6 -12.59 -29.68 -17.96
N SER D 7 -12.25 -30.26 -16.83
CA SER D 7 -12.67 -29.73 -15.56
C SER D 7 -11.84 -28.50 -15.28
N LYS D 8 -12.44 -27.55 -14.60
CA LYS D 8 -11.73 -26.37 -14.21
C LYS D 8 -11.19 -26.62 -12.82
N THR D 9 -9.91 -26.36 -12.62
CA THR D 9 -9.25 -26.68 -11.36
C THR D 9 -8.46 -25.50 -10.83
N ILE D 10 -8.52 -25.31 -9.53
CA ILE D 10 -7.70 -24.28 -8.83
C ILE D 10 -6.97 -25.04 -7.76
N GLY D 11 -5.66 -24.86 -7.72
CA GLY D 11 -4.87 -25.32 -6.60
C GLY D 11 -4.87 -24.34 -5.43
N VAL D 12 -5.06 -24.85 -4.22
CA VAL D 12 -5.00 -23.97 -3.05
C VAL D 12 -3.94 -24.45 -2.09
N ILE D 13 -2.96 -23.61 -1.82
CA ILE D 13 -1.82 -23.96 -0.97
C ILE D 13 -1.85 -23.13 0.31
N VAL D 14 -2.10 -23.81 1.42
CA VAL D 14 -2.18 -23.16 2.74
C VAL D 14 -1.16 -23.80 3.66
N PRO D 15 -0.75 -23.09 4.71
CA PRO D 15 0.18 -23.63 5.67
C PRO D 15 -0.36 -24.87 6.37
N ASP D 16 -1.56 -24.81 6.93
CA ASP D 16 -2.19 -25.99 7.54
C ASP D 16 -3.72 -25.88 7.75
N ILE D 17 -4.45 -26.91 7.39
CA ILE D 17 -5.90 -26.91 7.45
C ILE D 17 -6.51 -27.13 8.86
N THR D 18 -5.67 -27.59 9.75
CA THR D 18 -6.02 -27.72 11.14
C THR D 18 -6.16 -26.41 11.93
N ASN D 19 -5.56 -25.32 11.48
CA ASN D 19 -5.83 -24.02 12.09
C ASN D 19 -7.19 -23.59 11.55
N PRO D 20 -8.15 -23.31 12.42
CA PRO D 20 -9.46 -22.92 11.91
C PRO D 20 -9.41 -21.68 11.03
N PHE D 21 -8.44 -20.81 11.24
CA PHE D 21 -8.25 -19.72 10.27
C PHE D 21 -8.21 -20.21 8.81
N PHE D 22 -7.38 -21.21 8.52
CA PHE D 22 -7.24 -21.67 7.14
C PHE D 22 -8.42 -22.50 6.62
N ALA D 23 -9.13 -23.17 7.51
CA ALA D 23 -10.36 -23.84 7.11
C ALA D 23 -11.38 -22.82 6.67
N GLN D 24 -11.45 -21.71 7.41
CA GLN D 24 -12.45 -20.69 7.11
C GLN D 24 -11.98 -19.94 5.86
N LEU D 25 -10.67 -19.73 5.68
CA LEU D 25 -10.21 -19.20 4.42
C LEU D 25 -10.70 -20.07 3.24
N ILE D 26 -10.56 -21.37 3.35
CA ILE D 26 -10.95 -22.30 2.28
C ILE D 26 -12.47 -22.23 2.05
N ARG D 27 -13.26 -22.15 3.11
CA ARG D 27 -14.70 -21.94 2.98
C ARG D 27 -15.02 -20.69 2.16
N GLY D 28 -14.30 -19.59 2.39
CA GLY D 28 -14.49 -18.38 1.62
C GLY D 28 -14.19 -18.62 0.17
N ILE D 29 -13.08 -19.31 -0.10
CA ILE D 29 -12.72 -19.66 -1.45
C ILE D 29 -13.79 -20.54 -2.10
N GLU D 30 -14.25 -21.57 -1.39
CA GLU D 30 -15.27 -22.49 -1.95
C GLU D 30 -16.58 -21.83 -2.27
N SER D 31 -16.93 -20.83 -1.48
CA SER D 31 -18.19 -20.11 -1.68
C SER D 31 -18.23 -19.54 -3.09
N VAL D 32 -17.07 -19.18 -3.64
CA VAL D 32 -17.00 -18.73 -5.02
C VAL D 32 -16.79 -19.88 -6.00
N LEU D 33 -15.85 -20.75 -5.68
CA LEU D 33 -15.50 -21.80 -6.60
C LEU D 33 -16.54 -22.83 -6.84
N TYR D 34 -17.26 -23.25 -5.80
CA TYR D 34 -18.20 -24.33 -5.95
C TYR D 34 -19.33 -23.89 -6.88
N LYS D 35 -19.76 -22.64 -6.74
CA LYS D 35 -20.82 -22.04 -7.59
C LYS D 35 -20.42 -22.00 -9.06
N GLU D 36 -19.12 -21.79 -9.32
CA GLU D 36 -18.56 -21.80 -10.65
C GLU D 36 -18.15 -23.18 -11.16
N ASN D 37 -18.37 -24.23 -10.36
CA ASN D 37 -18.04 -25.59 -10.74
C ASN D 37 -16.54 -25.81 -10.95
N PHE D 38 -15.73 -25.14 -10.13
CA PHE D 38 -14.31 -25.41 -10.05
C PHE D 38 -14.05 -26.52 -9.03
N ILE D 39 -13.14 -27.39 -9.40
CA ILE D 39 -12.55 -28.37 -8.50
C ILE D 39 -11.45 -27.67 -7.71
N LEU D 40 -11.36 -27.99 -6.42
CA LEU D 40 -10.34 -27.48 -5.54
C LEU D 40 -9.33 -28.55 -5.18
N ILE D 41 -8.10 -28.34 -5.61
CA ILE D 41 -6.98 -29.18 -5.21
C ILE D 41 -6.34 -28.63 -3.96
N LEU D 42 -6.25 -29.43 -2.89
CA LEU D 42 -5.76 -28.91 -1.62
C LEU D 42 -4.33 -29.30 -1.43
N CYS D 43 -3.52 -28.36 -0.94
CA CYS D 43 -2.15 -28.71 -0.55
C CYS D 43 -1.89 -28.10 0.79
N ASN D 44 -1.74 -28.95 1.80
CA ASN D 44 -1.45 -28.53 3.18
C ASN D 44 0.06 -28.46 3.25
N ALA D 45 0.62 -27.27 3.18
CA ALA D 45 2.02 -27.18 2.83
C ALA D 45 2.88 -27.71 3.94
N ASP D 46 2.42 -27.60 5.19
CA ASP D 46 3.28 -28.00 6.28
C ASP D 46 3.40 -29.51 6.39
N GLN D 47 2.63 -30.27 5.60
CA GLN D 47 2.81 -31.71 5.52
C GLN D 47 3.90 -32.18 4.57
N ASP D 48 4.41 -31.31 3.71
CA ASP D 48 5.55 -31.66 2.92
C ASP D 48 6.80 -31.38 3.77
N VAL D 49 7.36 -32.41 4.36
CA VAL D 49 8.60 -32.25 5.14
C VAL D 49 9.79 -32.89 4.47
N THR D 50 9.67 -33.14 3.17
CA THR D 50 10.79 -33.59 2.36
C THR D 50 11.87 -32.53 2.31
N ARG D 51 13.12 -32.95 2.16
CA ARG D 51 14.27 -32.08 2.25
C ARG D 51 14.14 -30.93 1.29
N GLU D 52 13.67 -31.24 0.07
CA GLU D 52 13.60 -30.26 -1.01
C GLU D 52 12.17 -29.81 -1.36
N HIS D 53 11.21 -30.07 -0.47
CA HIS D 53 9.79 -29.82 -0.74
C HIS D 53 9.33 -30.31 -2.06
N GLU D 54 9.65 -31.57 -2.27
CA GLU D 54 9.37 -32.20 -3.55
C GLU D 54 7.88 -32.43 -3.83
N TYR D 55 7.07 -32.64 -2.81
CA TYR D 55 5.63 -32.65 -3.07
C TYR D 55 5.08 -31.31 -3.52
N LEU D 56 5.46 -30.23 -2.87
CA LEU D 56 5.06 -28.90 -3.33
C LEU D 56 5.48 -28.64 -4.76
N THR D 57 6.68 -29.08 -5.11
CA THR D 57 7.12 -29.00 -6.50
C THR D 57 6.24 -29.84 -7.47
N GLU D 58 5.94 -31.06 -7.08
CA GLU D 58 5.00 -31.92 -7.84
C GLU D 58 3.65 -31.18 -8.07
N LEU D 59 3.10 -30.62 -7.01
CA LEU D 59 1.79 -30.01 -7.06
C LEU D 59 1.81 -28.73 -7.91
N ILE D 60 2.82 -27.91 -7.72
CA ILE D 60 2.84 -26.60 -8.35
C ILE D 60 3.01 -26.78 -9.86
N ARG D 61 3.49 -27.94 -10.29
CA ARG D 61 3.59 -28.26 -11.73
C ARG D 61 2.33 -28.86 -12.34
N ARG D 62 1.29 -29.07 -11.54
CA ARG D 62 0.07 -29.62 -12.10
C ARG D 62 -0.54 -28.61 -13.04
N SER D 63 -1.12 -29.12 -14.13
CA SER D 63 -1.75 -28.28 -15.15
C SER D 63 -3.13 -27.84 -14.70
N VAL D 64 -3.16 -26.80 -13.88
CA VAL D 64 -4.41 -26.28 -13.36
C VAL D 64 -4.76 -24.96 -14.00
N ASP D 65 -5.98 -24.51 -13.74
CA ASP D 65 -6.41 -23.21 -14.23
C ASP D 65 -5.91 -22.02 -13.44
N GLY D 66 -5.58 -22.22 -12.17
CA GLY D 66 -5.08 -21.13 -11.33
C GLY D 66 -4.57 -21.62 -10.00
N PHE D 67 -3.75 -20.83 -9.32
CA PHE D 67 -3.33 -21.18 -7.95
C PHE D 67 -3.60 -20.06 -6.98
N VAL D 68 -4.00 -20.43 -5.75
CA VAL D 68 -4.10 -19.55 -4.62
C VAL D 68 -2.96 -19.93 -3.72
N ILE D 69 -2.08 -18.97 -3.46
CA ILE D 69 -0.85 -19.28 -2.73
C ILE D 69 -0.80 -18.51 -1.45
N ALA D 70 -1.08 -19.17 -0.30
CA ALA D 70 -1.06 -18.55 1.01
C ALA D 70 0.14 -18.94 1.88
N SER D 71 1.09 -19.64 1.26
CA SER D 71 2.28 -20.15 1.91
C SER D 71 3.55 -19.57 1.30
N SER D 72 4.50 -19.21 2.16
CA SER D 72 5.83 -18.75 1.78
C SER D 72 6.72 -19.86 1.27
N GLU D 73 6.28 -21.12 1.44
CA GLU D 73 7.07 -22.26 0.95
C GLU D 73 7.08 -22.40 -0.59
N ILE D 74 6.20 -21.71 -1.32
CA ILE D 74 6.30 -21.64 -2.78
C ILE D 74 7.11 -20.40 -3.09
N SER D 75 8.34 -20.58 -3.55
CA SER D 75 9.22 -19.43 -3.84
C SER D 75 8.90 -18.67 -5.10
N ASN D 76 9.37 -17.44 -5.15
CA ASN D 76 9.18 -16.59 -6.31
C ASN D 76 9.85 -17.21 -7.51
N GLN D 77 11.01 -17.80 -7.29
CA GLN D 77 11.70 -18.47 -8.35
C GLN D 77 10.84 -19.58 -8.91
N THR D 78 10.25 -20.39 -8.04
CA THR D 78 9.32 -21.44 -8.49
C THR D 78 8.10 -20.90 -9.25
N ILE D 79 7.50 -19.84 -8.72
CA ILE D 79 6.38 -19.19 -9.41
C ILE D 79 6.78 -18.70 -10.82
N ASN D 80 7.95 -18.07 -10.92
CA ASN D 80 8.38 -17.50 -12.21
C ASN D 80 8.64 -18.60 -13.22
N GLU D 81 9.37 -19.63 -12.80
CA GLU D 81 9.79 -20.74 -13.67
C GLU D 81 8.68 -21.68 -14.08
N THR D 82 7.62 -21.73 -13.30
CA THR D 82 6.57 -22.71 -13.54
C THR D 82 5.30 -22.01 -13.97
N LEU D 83 4.74 -21.18 -13.09
CA LEU D 83 3.43 -20.62 -13.33
C LEU D 83 3.49 -19.51 -14.40
N ARG D 84 4.40 -18.57 -14.22
CA ARG D 84 4.52 -17.47 -15.19
C ARG D 84 4.89 -18.03 -16.57
N ALA D 85 5.85 -18.94 -16.63
CA ALA D 85 6.24 -19.58 -17.89
C ALA D 85 5.08 -20.26 -18.59
N LYS D 86 4.21 -20.94 -17.84
CA LYS D 86 3.07 -21.67 -18.41
C LYS D 86 1.81 -20.80 -18.64
N LYS D 87 1.90 -19.52 -18.29
CA LYS D 87 0.76 -18.63 -18.23
C LYS D 87 -0.38 -19.18 -17.35
N ILE D 88 -0.02 -19.73 -16.20
CA ILE D 88 -1.05 -20.10 -15.21
C ILE D 88 -1.15 -18.96 -14.22
N PRO D 89 -2.36 -18.38 -14.10
CA PRO D 89 -2.51 -17.29 -13.15
C PRO D 89 -2.46 -17.74 -11.68
N PHE D 90 -2.10 -16.81 -10.84
CA PHE D 90 -2.06 -17.10 -9.42
C PHE D 90 -2.35 -15.87 -8.63
N ILE D 91 -2.58 -16.07 -7.34
CA ILE D 91 -2.80 -14.97 -6.42
C ILE D 91 -2.17 -15.29 -5.09
N VAL D 92 -1.55 -14.30 -4.47
CA VAL D 92 -0.91 -14.49 -3.18
C VAL D 92 -1.65 -13.78 -2.07
N LEU D 93 -1.45 -14.32 -0.88
CA LEU D 93 -2.08 -13.76 0.31
C LEU D 93 -1.41 -14.33 1.55
N ASP D 94 -1.72 -13.72 2.67
CA ASP D 94 -1.37 -14.20 3.98
C ASP D 94 0.16 -14.38 4.14
N GLN D 95 0.64 -15.58 4.40
CA GLN D 95 2.05 -15.81 4.68
C GLN D 95 2.92 -15.68 3.46
N LYS D 96 2.33 -15.65 2.28
CA LYS D 96 3.09 -15.41 1.06
C LYS D 96 3.12 -13.92 0.71
N LYS D 97 4.31 -13.35 0.76
CA LYS D 97 4.51 -11.94 0.44
C LYS D 97 4.48 -11.70 -1.07
N ALA D 98 3.76 -10.66 -1.47
CA ALA D 98 3.62 -10.30 -2.87
C ALA D 98 4.91 -9.66 -3.39
N GLU D 99 5.38 -10.18 -4.51
CA GLU D 99 6.61 -9.77 -5.18
C GLU D 99 6.43 -8.37 -5.79
N GLY D 100 5.17 -8.00 -6.05
CA GLY D 100 4.84 -6.72 -6.62
C GLY D 100 4.30 -6.83 -8.05
N PHE D 101 4.53 -7.96 -8.72
CA PHE D 101 4.04 -8.17 -10.09
C PHE D 101 3.01 -9.32 -10.10
N SER D 102 2.02 -9.19 -9.23
CA SER D 102 0.95 -10.17 -9.15
C SER D 102 -0.21 -9.56 -8.42
N ASP D 103 -1.35 -10.22 -8.48
CA ASP D 103 -2.47 -9.85 -7.63
C ASP D 103 -2.17 -10.35 -6.23
N ALA D 104 -2.71 -9.66 -5.24
CA ALA D 104 -2.56 -10.07 -3.84
C ALA D 104 -3.71 -9.58 -3.02
N VAL D 105 -4.11 -10.33 -1.99
CA VAL D 105 -5.11 -9.84 -1.07
C VAL D 105 -4.58 -9.94 0.36
N LEU D 106 -4.42 -8.78 1.00
CA LEU D 106 -3.93 -8.66 2.36
C LEU D 106 -5.05 -8.30 3.32
N THR D 107 -4.77 -8.52 4.59
CA THR D 107 -5.48 -7.85 5.65
C THR D 107 -4.50 -6.90 6.36
N ASP D 108 -5.04 -6.01 7.16
CA ASP D 108 -4.27 -4.90 7.68
C ASP D 108 -3.54 -5.24 8.97
N ASP D 109 -2.48 -6.05 8.84
CA ASP D 109 -1.76 -6.62 9.99
C ASP D 109 -1.16 -5.51 10.85
N TYR D 110 -0.64 -4.48 10.18
CA TYR D 110 0.01 -3.39 10.91
C TYR D 110 -1.01 -2.70 11.78
N ARG D 111 -2.20 -2.44 11.21
CA ARG D 111 -3.27 -1.78 11.92
C ARG D 111 -3.76 -2.69 13.02
N GLY D 112 -3.79 -3.99 12.74
CA GLY D 112 -4.19 -4.93 13.78
C GLY D 112 -3.35 -4.92 14.99
N GLY D 113 -2.04 -4.94 14.77
CA GLY D 113 -1.11 -4.83 15.87
C GLY D 113 -1.31 -3.53 16.66
N GLN D 114 -1.50 -2.44 15.93
CA GLN D 114 -1.73 -1.12 16.55
C GLN D 114 -2.97 -1.15 17.44
N LEU D 115 -4.01 -1.78 16.92
CA LEU D 115 -5.25 -1.87 17.64
C LEU D 115 -5.10 -2.67 18.94
N ALA D 116 -4.35 -3.78 18.86
CA ALA D 116 -4.03 -4.58 20.03
C ALA D 116 -3.29 -3.79 21.11
N ALA D 117 -2.30 -3.02 20.66
CA ALA D 117 -1.51 -2.18 21.56
C ALA D 117 -2.42 -1.13 22.20
N LYS D 118 -3.26 -0.52 21.37
CA LYS D 118 -4.16 0.55 21.83
C LYS D 118 -5.09 0.03 22.90
N HIS D 119 -5.51 -1.22 22.79
CA HIS D 119 -6.38 -1.79 23.79
C HIS D 119 -5.65 -2.02 25.10
N LEU D 120 -4.44 -2.58 25.03
CA LEU D 120 -3.71 -2.83 26.24
C LEU D 120 -3.30 -1.50 26.86
N GLN D 121 -2.97 -0.53 26.01
CA GLN D 121 -2.68 0.85 26.46
C GLN D 121 -3.90 1.45 27.19
N GLU D 122 -5.08 1.31 26.58
CA GLU D 122 -6.30 1.79 27.22
C GLU D 122 -6.58 1.11 28.56
N GLN D 123 -6.18 -0.15 28.69
CA GLN D 123 -6.31 -0.89 29.95
C GLN D 123 -5.12 -0.60 30.89
N ARG D 124 -4.23 0.30 30.47
CA ARG D 124 -3.13 0.86 31.28
C ARG D 124 -2.00 -0.09 31.55
N HIS D 125 -1.83 -1.11 30.71
CA HIS D 125 -0.71 -2.03 30.88
C HIS D 125 0.56 -1.36 30.38
N GLU D 126 1.66 -1.56 31.12
CA GLU D 126 2.94 -0.91 30.78
C GLU D 126 4.05 -1.88 30.35
N GLN D 127 4.19 -2.99 31.08
CA GLN D 127 5.12 -4.03 30.71
C GLN D 127 4.31 -5.09 29.95
N VAL D 128 4.65 -5.33 28.69
CA VAL D 128 3.84 -6.22 27.84
C VAL D 128 4.74 -7.21 27.11
N ILE D 129 4.16 -8.35 26.70
CA ILE D 129 4.90 -9.41 26.02
C ILE D 129 4.19 -9.67 24.69
N VAL D 130 4.96 -9.80 23.61
CA VAL D 130 4.45 -10.37 22.37
C VAL D 130 4.98 -11.81 22.21
N VAL D 131 4.05 -12.72 21.95
CA VAL D 131 4.40 -14.13 21.71
C VAL D 131 4.15 -14.45 20.25
N MET D 132 5.24 -14.83 19.56
CA MET D 132 5.20 -15.00 18.13
C MET D 132 6.27 -16.00 17.65
N PRO D 133 6.16 -16.45 16.40
CA PRO D 133 7.15 -17.37 15.88
C PRO D 133 8.43 -16.67 15.49
N PRO D 134 9.53 -17.41 15.48
CA PRO D 134 10.76 -16.95 14.88
C PRO D 134 10.68 -16.89 13.35
N HIS D 135 11.52 -16.05 12.75
CA HIS D 135 11.54 -15.87 11.27
C HIS D 135 10.13 -15.84 10.71
N ALA D 136 9.31 -14.97 11.29
CA ALA D 136 7.87 -14.91 11.01
C ALA D 136 7.62 -14.47 9.58
N PRO D 137 6.58 -15.01 8.95
CA PRO D 137 6.16 -14.46 7.67
C PRO D 137 5.90 -12.97 7.78
N VAL D 138 6.00 -12.27 6.66
CA VAL D 138 5.91 -10.81 6.65
C VAL D 138 4.60 -10.29 7.23
N ASN D 139 3.49 -10.90 6.87
CA ASN D 139 2.21 -10.47 7.41
C ASN D 139 2.24 -10.51 8.94
N ILE D 140 2.85 -11.53 9.52
CA ILE D 140 2.83 -11.68 10.97
C ILE D 140 3.81 -10.67 11.60
N GLN D 141 4.97 -10.50 11.00
CA GLN D 141 5.90 -9.51 11.47
C GLN D 141 5.25 -8.13 11.52
N GLN D 142 4.38 -7.84 10.55
CA GLN D 142 3.71 -6.54 10.50
C GLN D 142 2.86 -6.29 11.72
N ARG D 143 2.40 -7.37 12.37
CA ARG D 143 1.60 -7.21 13.54
C ARG D 143 2.43 -6.67 14.67
N LEU D 144 3.65 -7.17 14.78
CA LEU D 144 4.54 -6.74 15.81
C LEU D 144 4.92 -5.28 15.56
N LYS D 145 5.22 -4.94 14.32
CA LYS D 145 5.63 -3.55 13.99
C LYS D 145 4.49 -2.55 14.28
N GLY D 146 3.27 -2.97 13.96
CA GLY D 146 2.07 -2.20 14.35
C GLY D 146 2.00 -2.02 15.84
N PHE D 147 2.16 -3.12 16.60
CA PHE D 147 2.07 -3.07 18.02
C PHE D 147 3.16 -2.13 18.60
N CYS D 148 4.37 -2.19 18.08
CA CYS D 148 5.45 -1.27 18.54
C CYS D 148 5.36 0.18 18.07
N SER D 149 4.49 0.47 17.11
CA SER D 149 4.17 1.86 16.78
C SER D 149 3.45 2.53 17.94
N VAL D 150 2.93 1.75 18.88
CA VAL D 150 2.26 2.28 20.06
C VAL D 150 3.09 2.03 21.31
N TYR D 151 3.35 0.77 21.64
CA TYR D 151 4.36 0.43 22.64
C TYR D 151 5.73 0.62 21.99
N THR D 152 6.34 1.78 22.23
CA THR D 152 7.69 2.04 21.74
C THR D 152 8.81 1.60 22.71
N GLU D 153 8.44 1.16 23.92
CA GLU D 153 9.38 0.68 24.94
C GLU D 153 8.70 -0.36 25.85
N LYS D 154 9.50 -1.13 26.57
CA LYS D 154 9.01 -2.11 27.56
C LYS D 154 8.20 -3.24 26.94
N VAL D 155 8.61 -3.62 25.73
CA VAL D 155 8.04 -4.77 25.06
C VAL D 155 9.04 -5.90 25.10
N GLN D 156 8.61 -7.03 25.64
CA GLN D 156 9.42 -8.21 25.56
C GLN D 156 8.85 -9.12 24.47
N LEU D 157 9.73 -9.78 23.74
CA LEU D 157 9.34 -10.72 22.70
C LEU D 157 9.65 -12.14 23.16
N ILE D 158 8.68 -13.04 23.04
CA ILE D 158 8.99 -14.44 23.27
C ILE D 158 8.70 -15.19 22.01
N GLU D 159 9.70 -15.91 21.52
CA GLU D 159 9.59 -16.63 20.32
C GLU D 159 9.16 -18.06 20.65
N THR D 160 8.21 -18.58 19.89
CA THR D 160 7.68 -19.91 20.10
C THR D 160 6.96 -20.38 18.85
N GLU D 161 6.66 -21.66 18.81
CA GLU D 161 5.97 -22.23 17.67
C GLU D 161 4.56 -21.55 17.53
N LEU D 162 4.17 -21.27 16.29
CA LEU D 162 2.84 -20.70 15.96
C LEU D 162 1.74 -21.78 16.09
N SER D 163 1.37 -22.09 17.32
CA SER D 163 0.51 -23.23 17.58
C SER D 163 0.11 -23.18 19.00
N LYS D 164 -0.91 -23.98 19.33
CA LYS D 164 -1.29 -24.14 20.72
C LYS D 164 -0.13 -24.65 21.57
N THR D 165 0.58 -25.64 21.06
CA THR D 165 1.76 -26.15 21.75
C THR D 165 2.76 -25.02 22.03
N GLY D 166 3.00 -24.16 21.04
CA GLY D 166 3.92 -23.02 21.21
C GLY D 166 3.51 -22.11 22.34
N GLY D 167 2.23 -21.76 22.36
CA GLY D 167 1.68 -20.98 23.40
C GLY D 167 1.88 -21.63 24.77
N TYR D 168 1.58 -22.93 24.85
CA TYR D 168 1.77 -23.69 26.08
C TYR D 168 3.24 -23.62 26.56
N GLN D 169 4.17 -23.77 25.62
CA GLN D 169 5.61 -23.83 25.96
C GLN D 169 6.14 -22.47 26.37
N ALA D 170 5.48 -21.40 25.93
CA ALA D 170 5.92 -20.05 26.27
C ALA D 170 5.67 -19.66 27.70
N VAL D 171 4.74 -20.32 28.37
CA VAL D 171 4.27 -19.86 29.66
C VAL D 171 5.38 -19.82 30.76
N PRO D 172 6.20 -20.89 30.87
CA PRO D 172 7.32 -20.82 31.84
C PRO D 172 8.13 -19.52 31.75
N GLU D 173 8.42 -19.09 30.52
CA GLU D 173 9.20 -17.86 30.31
C GLU D 173 8.44 -16.61 30.70
N ILE D 174 7.16 -16.57 30.34
CA ILE D 174 6.28 -15.47 30.75
C ILE D 174 6.28 -15.31 32.27
N LEU D 175 6.24 -16.44 32.96
CA LEU D 175 6.13 -16.45 34.40
C LEU D 175 7.36 -15.82 35.07
N LYS D 176 8.48 -15.90 34.38
CA LYS D 176 9.72 -15.31 34.87
C LYS D 176 9.79 -13.79 34.65
N THR D 177 8.77 -13.18 34.06
CA THR D 177 8.83 -11.74 33.77
C THR D 177 7.99 -10.93 34.72
N GLU D 178 8.07 -9.61 34.55
CA GLU D 178 7.19 -8.67 35.24
C GLU D 178 6.02 -8.19 34.36
N SER D 179 5.77 -8.85 33.24
CA SER D 179 4.71 -8.41 32.34
C SER D 179 3.33 -8.74 32.86
N THR D 180 2.36 -7.91 32.45
CA THR D 180 0.98 -8.01 32.88
C THR D 180 -0.02 -8.14 31.71
N GLY D 181 0.43 -7.78 30.50
CA GLY D 181 -0.40 -7.85 29.29
C GLY D 181 0.33 -8.60 28.22
N ILE D 182 -0.39 -9.42 27.45
CA ILE D 182 0.25 -10.29 26.45
C ILE D 182 -0.50 -10.21 25.15
N PHE D 183 0.25 -9.96 24.06
CA PHE D 183 -0.30 -10.03 22.73
C PHE D 183 0.17 -11.34 22.16
N ALA D 184 -0.79 -12.25 21.96
CA ALA D 184 -0.57 -13.50 21.27
C ALA D 184 -0.83 -13.24 19.78
N ILE D 185 0.14 -13.54 18.94
CA ILE D 185 0.10 -13.11 17.55
C ILE D 185 -0.90 -13.96 16.76
N ASN D 186 -1.43 -15.03 17.36
CA ASN D 186 -2.67 -15.62 16.85
C ASN D 186 -3.47 -16.29 17.96
N ASP D 187 -4.74 -16.60 17.67
CA ASP D 187 -5.59 -17.17 18.67
C ASP D 187 -5.08 -18.56 19.15
N GLU D 188 -4.45 -19.33 18.26
CA GLU D 188 -3.95 -20.64 18.69
C GLU D 188 -2.90 -20.48 19.76
N ILE D 189 -1.96 -19.56 19.59
CA ILE D 189 -1.02 -19.27 20.66
C ILE D 189 -1.73 -18.89 21.94
N ALA D 190 -2.76 -18.01 21.84
CA ALA D 190 -3.46 -17.55 23.02
C ALA D 190 -4.04 -18.77 23.81
N PHE D 191 -4.66 -19.70 23.10
CA PHE D 191 -5.28 -20.85 23.76
C PHE D 191 -4.23 -21.68 24.50
N GLY D 192 -3.03 -21.75 23.94
CA GLY D 192 -1.87 -22.42 24.59
C GLY D 192 -1.49 -21.76 25.90
N LEU D 193 -1.42 -20.43 25.85
CA LEU D 193 -1.22 -19.60 27.03
C LEU D 193 -2.25 -19.84 28.09
N TYR D 194 -3.52 -19.93 27.69
CA TYR D 194 -4.58 -20.29 28.64
C TYR D 194 -4.21 -21.59 29.34
N ARG D 195 -4.03 -22.66 28.57
CA ARG D 195 -3.74 -23.98 29.16
C ARG D 195 -2.53 -23.91 30.10
N GLY D 196 -1.47 -23.27 29.64
CA GLY D 196 -0.24 -23.16 30.44
C GLY D 196 -0.45 -22.40 31.74
N LEU D 197 -1.16 -21.29 31.68
CA LEU D 197 -1.30 -20.43 32.83
C LEU D 197 -2.25 -21.05 33.84
N ALA D 198 -3.29 -21.71 33.34
CA ALA D 198 -4.15 -22.50 34.21
C ALA D 198 -3.31 -23.53 34.96
N GLU D 199 -2.44 -24.27 34.26
CA GLU D 199 -1.59 -25.30 34.92
C GLU D 199 -0.68 -24.66 35.96
N ALA D 200 -0.23 -23.44 35.70
CA ALA D 200 0.60 -22.68 36.64
C ALA D 200 -0.19 -22.05 37.79
N GLY D 201 -1.50 -22.22 37.81
CA GLY D 201 -2.33 -21.60 38.82
C GLY D 201 -2.55 -20.10 38.68
N LYS D 202 -2.39 -19.56 37.47
CA LYS D 202 -2.65 -18.13 37.21
C LYS D 202 -4.02 -17.92 36.55
N LYS D 203 -4.60 -16.75 36.74
CA LYS D 203 -5.95 -16.46 36.26
C LYS D 203 -5.94 -15.37 35.21
N ILE D 204 -6.88 -15.45 34.27
CA ILE D 204 -7.01 -14.46 33.21
C ILE D 204 -8.39 -13.86 33.41
N PRO D 205 -8.56 -12.54 33.47
CA PRO D 205 -7.55 -11.52 33.25
C PRO D 205 -6.90 -11.02 34.55
N GLU D 206 -7.22 -11.67 35.67
CA GLU D 206 -6.85 -11.16 36.99
C GLU D 206 -5.35 -11.11 37.16
N ASP D 207 -4.67 -12.17 36.73
CA ASP D 207 -3.21 -12.18 36.72
C ASP D 207 -2.58 -11.72 35.41
N TYR D 208 -3.14 -12.07 34.26
CA TYR D 208 -2.61 -11.61 32.96
C TYR D 208 -3.74 -11.23 32.03
N SER D 209 -3.57 -10.13 31.31
CA SER D 209 -4.50 -9.71 30.28
C SER D 209 -3.97 -10.25 28.95
N ILE D 210 -4.82 -10.94 28.20
CA ILE D 210 -4.41 -11.56 26.95
C ILE D 210 -5.31 -11.11 25.81
N ILE D 211 -4.67 -10.68 24.73
CA ILE D 211 -5.33 -10.39 23.49
C ILE D 211 -4.70 -11.26 22.38
N GLY D 212 -5.56 -11.88 21.59
CA GLY D 212 -5.18 -12.77 20.51
C GLY D 212 -5.25 -12.10 19.16
N TYR D 213 -5.26 -12.90 18.10
CA TYR D 213 -5.39 -12.40 16.74
C TYR D 213 -6.02 -13.48 15.88
N ASP D 214 -7.13 -13.11 15.21
CA ASP D 214 -7.81 -13.78 14.11
C ASP D 214 -9.35 -13.70 14.31
N ASN D 215 -9.78 -13.93 15.54
CA ASN D 215 -11.18 -14.17 15.89
C ASN D 215 -11.72 -15.51 15.33
N VAL D 216 -10.98 -16.59 15.58
CA VAL D 216 -11.46 -17.92 15.22
C VAL D 216 -12.64 -18.23 16.15
N ASP D 217 -13.47 -19.17 15.73
CA ASP D 217 -14.75 -19.42 16.39
C ASP D 217 -14.59 -19.83 17.84
N MET D 218 -13.50 -20.54 18.14
CA MET D 218 -13.24 -20.98 19.50
C MET D 218 -13.01 -19.86 20.51
N CYS D 219 -12.76 -18.62 20.07
CA CYS D 219 -12.62 -17.51 21.03
C CYS D 219 -13.80 -17.40 21.97
N GLU D 220 -14.97 -17.74 21.46
CA GLU D 220 -16.21 -17.67 22.29
C GLU D 220 -16.38 -18.86 23.23
N TYR D 221 -15.55 -19.90 23.11
CA TYR D 221 -15.75 -21.16 23.85
C TYR D 221 -14.67 -21.44 24.88
N VAL D 222 -13.62 -20.64 24.88
CA VAL D 222 -12.62 -20.73 25.92
C VAL D 222 -13.03 -19.85 27.12
N SER D 223 -12.36 -20.07 28.23
CA SER D 223 -12.69 -19.38 29.50
CA SER D 223 -12.69 -19.40 29.50
C SER D 223 -11.50 -18.59 30.03
N PRO D 224 -11.58 -17.24 30.06
CA PRO D 224 -12.73 -16.46 29.60
C PRO D 224 -12.73 -16.28 28.09
N PRO D 225 -13.89 -15.92 27.50
CA PRO D 225 -13.90 -15.64 26.07
C PRO D 225 -12.84 -14.64 25.71
N LEU D 226 -12.18 -14.89 24.58
CA LEU D 226 -10.92 -14.24 24.21
C LEU D 226 -11.11 -12.97 23.38
N THR D 227 -10.60 -11.88 23.94
CA THR D 227 -10.44 -10.63 23.23
C THR D 227 -9.38 -10.82 22.19
N THR D 228 -9.65 -10.28 21.01
CA THR D 228 -8.87 -10.56 19.82
C THR D 228 -9.05 -9.49 18.75
N ILE D 229 -8.17 -9.52 17.78
CA ILE D 229 -8.33 -8.79 16.52
C ILE D 229 -8.93 -9.69 15.44
N ALA D 230 -10.11 -9.34 14.94
CA ALA D 230 -10.75 -10.08 13.85
C ALA D 230 -10.17 -9.80 12.48
N GLN D 231 -9.78 -10.88 11.82
CA GLN D 231 -9.61 -10.86 10.39
C GLN D 231 -10.88 -11.31 9.72
N PRO D 232 -11.27 -10.63 8.63
CA PRO D 232 -12.46 -11.04 7.89
C PRO D 232 -12.08 -12.19 6.92
N VAL D 233 -11.87 -13.38 7.47
CA VAL D 233 -11.22 -14.46 6.74
C VAL D 233 -12.08 -15.06 5.64
N PHE D 234 -13.38 -15.18 5.89
CA PHE D 234 -14.26 -15.72 4.85
C PHE D 234 -14.28 -14.77 3.65
N GLN D 235 -14.40 -13.47 3.95
CA GLN D 235 -14.34 -12.43 2.90
C GLN D 235 -12.97 -12.43 2.18
N LEU D 236 -11.90 -12.65 2.96
CA LEU D 236 -10.59 -12.75 2.37
C LEU D 236 -10.59 -13.88 1.35
N GLY D 237 -11.14 -15.04 1.71
CA GLY D 237 -11.16 -16.13 0.78
C GLY D 237 -12.05 -15.88 -0.42
N GLN D 238 -13.20 -15.27 -0.19
CA GLN D 238 -14.07 -14.90 -1.28
C GLN D 238 -13.39 -13.88 -2.24
N THR D 239 -12.73 -12.89 -1.69
CA THR D 239 -12.08 -11.88 -2.52
C THR D 239 -10.96 -12.46 -3.32
N THR D 240 -10.18 -13.30 -2.69
CA THR D 240 -9.05 -13.94 -3.33
C THR D 240 -9.51 -14.77 -4.52
N ALA D 241 -10.56 -15.59 -4.31
CA ALA D 241 -11.05 -16.44 -5.40
C ALA D 241 -11.63 -15.61 -6.54
N THR D 242 -12.31 -14.54 -6.17
CA THR D 242 -12.91 -13.63 -7.14
C THR D 242 -11.87 -13.00 -8.05
N LEU D 243 -10.84 -12.44 -7.45
CA LEU D 243 -9.79 -11.82 -8.23
C LEU D 243 -9.07 -12.83 -9.08
N LEU D 244 -8.81 -14.03 -8.57
CA LEU D 244 -8.21 -15.07 -9.42
C LEU D 244 -9.08 -15.36 -10.63
N LEU D 245 -10.38 -15.56 -10.40
CA LEU D 245 -11.30 -15.82 -11.51
C LEU D 245 -11.37 -14.62 -12.48
N GLU D 246 -11.33 -13.40 -11.94
CA GLU D 246 -11.26 -12.20 -12.80
C GLU D 246 -10.05 -12.28 -13.71
N ARG D 247 -8.89 -12.63 -13.16
CA ARG D 247 -7.67 -12.77 -13.98
C ARG D 247 -7.76 -13.89 -15.00
N ILE D 248 -8.41 -14.98 -14.63
CA ILE D 248 -8.59 -16.07 -15.58
C ILE D 248 -9.41 -15.61 -16.81
N HIS D 249 -10.45 -14.84 -16.56
CA HIS D 249 -11.31 -14.39 -17.67
C HIS D 249 -10.73 -13.17 -18.42
N GLN D 250 -9.76 -12.50 -17.81
CA GLN D 250 -9.12 -11.33 -18.38
C GLN D 250 -7.62 -11.32 -17.98
N PRO D 251 -6.81 -12.19 -18.61
CA PRO D 251 -5.42 -12.42 -18.19
C PRO D 251 -4.51 -11.22 -18.36
N ALA D 252 -4.92 -10.27 -19.19
CA ALA D 252 -4.18 -9.04 -19.42
C ALA D 252 -4.56 -7.96 -18.43
N LYS D 253 -5.54 -8.21 -17.56
CA LYS D 253 -5.90 -7.27 -16.49
C LYS D 253 -4.71 -6.73 -15.68
N ASP D 254 -4.78 -5.45 -15.30
CA ASP D 254 -3.79 -4.81 -14.43
C ASP D 254 -3.66 -5.61 -13.14
N TRP D 255 -2.45 -5.65 -12.60
CA TRP D 255 -2.24 -6.26 -11.27
C TRP D 255 -3.06 -5.52 -10.22
N GLU D 256 -3.75 -6.28 -9.35
CA GLU D 256 -4.53 -5.68 -8.29
C GLU D 256 -4.12 -6.15 -6.88
N GLU D 257 -3.95 -5.19 -5.96
CA GLU D 257 -3.73 -5.42 -4.53
C GLU D 257 -4.87 -4.78 -3.73
N GLN D 258 -5.47 -5.56 -2.83
CA GLN D 258 -6.43 -5.04 -1.87
C GLN D 258 -5.96 -5.37 -0.49
N THR D 259 -6.30 -4.52 0.47
CA THR D 259 -6.09 -4.83 1.87
C THR D 259 -7.44 -4.73 2.52
N LEU D 260 -7.82 -5.79 3.24
CA LEU D 260 -9.09 -5.81 3.95
C LEU D 260 -8.86 -5.34 5.36
N PRO D 261 -9.89 -4.67 5.97
CA PRO D 261 -9.75 -4.10 7.28
C PRO D 261 -9.87 -5.14 8.38
N VAL D 262 -9.38 -4.79 9.55
CA VAL D 262 -9.48 -5.62 10.71
C VAL D 262 -10.09 -4.84 11.84
N GLN D 263 -10.43 -5.50 12.93
CA GLN D 263 -10.94 -4.78 14.10
C GLN D 263 -10.88 -5.55 15.38
N LEU D 264 -10.89 -4.80 16.46
CA LEU D 264 -10.85 -5.33 17.80
C LEU D 264 -12.21 -5.89 18.15
N ILE D 265 -12.25 -7.13 18.65
CA ILE D 265 -13.45 -7.69 19.28
C ILE D 265 -13.14 -7.82 20.74
N GLU D 266 -13.83 -7.02 21.56
CA GLU D 266 -13.57 -7.00 22.96
C GLU D 266 -14.44 -8.05 23.64
N ARG D 267 -13.81 -8.96 24.35
CA ARG D 267 -14.52 -9.97 25.16
C ARG D 267 -14.10 -9.87 26.64
N PHE D 268 -13.56 -10.93 27.26
CA PHE D 268 -13.36 -10.90 28.71
C PHE D 268 -11.98 -11.31 29.20
N SER D 269 -10.98 -11.22 28.33
CA SER D 269 -9.65 -11.75 28.65
C SER D 269 -8.63 -10.68 29.01
N THR D 270 -9.08 -9.43 29.07
CA THR D 270 -8.25 -8.35 29.57
C THR D 270 -9.00 -7.54 30.60
N ALA D 271 -8.25 -6.82 31.41
CA ALA D 271 -8.83 -5.95 32.41
C ALA D 271 -7.91 -4.77 32.67
N PRO D 272 -8.46 -3.68 33.23
CA PRO D 272 -7.57 -2.59 33.61
C PRO D 272 -6.65 -3.00 34.76
N LEU D 273 -5.39 -2.62 34.61
CA LEU D 273 -4.38 -2.79 35.63
C LEU D 273 -4.73 -1.94 36.85
N LYS D 274 -4.86 -2.59 38.01
CA LYS D 274 -5.36 -1.95 39.24
C LYS D 274 -4.23 -1.70 40.23
#